data_5FKS
#
_entry.id   5FKS
#
_cell.length_a   89.360
_cell.length_b   127.690
_cell.length_c   73.280
_cell.angle_alpha   90.00
_cell.angle_beta   90.00
_cell.angle_gamma   90.00
#
_symmetry.space_group_name_H-M   'P 21 21 2'
#
loop_
_entity.id
_entity.type
_entity.pdbx_description
1 polymer 'ENDO-1,4-BETA-GLUCANASE/XYLOGLUCANASE, PUTATIVE, GLY74A'
2 branched beta-D-glucopyranose-(1-4)-[alpha-D-xylopyranose-(1-6)]beta-D-glucopyranose-(1-4)-[beta-D-galactopyranose-(1-2)-alpha-D-xylopyranose-(1-6)]beta-D-glucopyranose-(1-4)-beta-D-glucopyranose
3 branched alpha-D-xylopyranose-(1-6)-beta-D-glucopyranose-(1-4)-[beta-D-galactopyranose-(1-2)-alpha-D-xylopyranose-(1-6)]beta-D-glucopyranose-(1-4)-[beta-D-galactopyranose-(1-2)-alpha-D-xylopyranose-(1-6)]beta-D-glucopyranose-(1-4)-beta-D-glucopyranose
4 non-polymer 'BROMIDE ION'
5 non-polymer 1,2-ETHANEDIOL
6 non-polymer 'POTASSIUM ION'
7 water water
#
_entity_poly.entity_id   1
_entity_poly.type   'polypeptide(L)'
_entity_poly.pdbx_seq_one_letter_code
;PSENYTWKNVRIDGGGFVPGIIFNQKEADLIYARTDIGGAYRWNSATSSWIPLLDWVGWDNWGWNGVMSLATDAADPNRV
YAAVGMYTNTWDPNNGAILRSTDRGNTWQATPLPFKVGGNMPGRGMGERLAIDPNRNSIIYYGAEGGNGLWRSTDYGATW
AKVSSFTNGGNYAQDPNDPNDYLNKIQGVVWVTFDPASGSAGNTSQVIYVGVADTQNAIYRSTDGGTTWSRLAGQPTGFL
PHKGVYDAVNGVLYIAYSDTGGPYDGAKGDVWKFTASSGTWTNISPIPSSSSDLYFGYSGLTIDRKNPNTLMVASQIAWW
PDAVFFRSTNGGASWTRIWDWTSYPSRSFRYTMDITEVPWLNFGNSNPVAPEVSPKLGWMNESVEIDPHNSNRLMYGTGA
TIYATENLTSWDSGGQILLKPMVKGLEETAVLDVVSPPVGAPVYSALGDIGGFRHDDLTKVPTSMYTTPNFSSTTSIDFA
ELQPATMVRVGNLDSGGGIGVTTNAGGSWWQGQNPPGVTSGGNVALAADGGAIVWAPGGSTNVYLSTTFGSTWTAISALP
AGAVIEADRVNPNKFYALANGTFYVSTNKGASFSATVTAGIPAAARKFKAVYGREGDIWLAGGSSTTTYGLWRSTNSGAS
FTKLASVQEADNVTFGKAATGATYPAIYIIGKVDNVRGVFRSTNEGASWVRINDDQRQYGNFGEAISGDPRIYGRLYLGT
NGRGLLYGDSA
;
_entity_poly.pdbx_strand_id   A
#
# COMPACT_ATOMS: atom_id res chain seq x y z
N PRO A 1 -16.41 -15.17 23.96
CA PRO A 1 -17.02 -13.84 23.96
C PRO A 1 -16.15 -12.79 23.23
N SER A 2 -16.51 -11.50 23.41
CA SER A 2 -15.73 -10.28 23.04
C SER A 2 -15.38 -9.40 24.29
N GLU A 3 -14.48 -8.41 24.09
CA GLU A 3 -14.05 -7.50 25.14
C GLU A 3 -13.72 -6.19 24.47
N ASN A 4 -14.19 -5.07 25.02
CA ASN A 4 -13.96 -3.74 24.39
C ASN A 4 -12.52 -3.32 24.33
N TYR A 5 -11.98 -3.13 23.11
CA TYR A 5 -10.62 -2.75 22.94
C TYR A 5 -10.64 -1.39 22.29
N THR A 6 -9.53 -0.72 22.38
CA THR A 6 -9.28 0.49 21.59
C THR A 6 -8.16 0.15 20.61
N TRP A 7 -8.38 0.41 19.33
CA TRP A 7 -7.41 0.13 18.27
C TRP A 7 -6.95 1.46 17.68
N LYS A 8 -5.64 1.62 17.53
CA LYS A 8 -5.08 2.83 16.94
C LYS A 8 -3.88 2.43 16.07
N ASN A 9 -3.56 3.27 15.11
CA ASN A 9 -2.24 3.17 14.44
C ASN A 9 -1.11 3.70 15.24
N VAL A 10 0.00 2.96 15.27
CA VAL A 10 1.33 3.45 15.67
C VAL A 10 1.65 4.52 14.60
N ARG A 11 1.92 5.73 15.03
CA ARG A 11 2.06 6.86 14.09
C ARG A 11 3.27 6.80 13.19
N ILE A 12 3.03 6.74 11.89
CA ILE A 12 4.13 6.72 10.84
C ILE A 12 3.90 7.83 9.80
N ASP A 13 2.64 7.96 9.35
CA ASP A 13 2.13 8.92 8.36
C ASP A 13 2.53 8.50 6.94
N GLY A 14 1.62 7.82 6.26
CA GLY A 14 1.80 7.42 4.88
C GLY A 14 2.65 6.19 4.76
N GLY A 15 3.58 6.24 3.80
CA GLY A 15 4.52 5.14 3.57
C GLY A 15 4.27 4.30 2.36
N GLY A 16 3.27 4.64 1.57
CA GLY A 16 2.97 3.84 0.38
C GLY A 16 2.38 4.69 -0.70
N PHE A 17 1.97 4.02 -1.78
CA PHE A 17 1.48 4.67 -3.00
C PHE A 17 0.03 5.04 -2.85
N VAL A 18 -0.28 6.31 -3.17
CA VAL A 18 -1.64 6.81 -3.24
C VAL A 18 -1.99 7.10 -4.68
N PRO A 19 -2.72 6.19 -5.33
CA PRO A 19 -2.93 6.37 -6.79
C PRO A 19 -3.99 7.39 -7.14
N GLY A 20 -4.81 7.82 -6.15
CA GLY A 20 -5.93 8.70 -6.46
C GLY A 20 -6.39 9.49 -5.27
N ILE A 21 -6.47 10.80 -5.52
CA ILE A 21 -7.05 11.76 -4.60
C ILE A 21 -8.27 12.36 -5.28
N ILE A 22 -9.37 12.46 -4.55
CA ILE A 22 -10.63 12.88 -5.16
C ILE A 22 -11.35 13.98 -4.31
N PHE A 23 -11.52 15.15 -4.93
CA PHE A 23 -12.24 16.25 -4.39
C PHE A 23 -13.69 16.22 -4.84
N ASN A 24 -14.61 16.45 -3.91
CA ASN A 24 -15.99 16.57 -4.29
C ASN A 24 -16.14 17.94 -4.97
N GLN A 25 -16.83 17.95 -6.11
CA GLN A 25 -16.87 19.14 -6.92
C GLN A 25 -17.77 20.25 -6.37
N LYS A 26 -18.63 19.95 -5.40
CA LYS A 26 -19.65 20.87 -4.89
C LYS A 26 -19.36 21.30 -3.46
N GLU A 27 -18.90 20.39 -2.61
CA GLU A 27 -18.70 20.68 -1.20
C GLU A 27 -17.21 20.87 -0.84
N ALA A 28 -16.85 22.07 -0.39
CA ALA A 28 -15.47 22.38 0.11
C ALA A 28 -15.04 21.43 1.28
N ASP A 29 -13.79 21.01 1.20
CA ASP A 29 -13.14 20.18 2.20
C ASP A 29 -13.62 18.75 2.25
N LEU A 30 -14.42 18.33 1.28
CA LEU A 30 -14.81 16.93 1.10
C LEU A 30 -13.83 16.32 0.13
N ILE A 31 -12.97 15.46 0.71
CA ILE A 31 -11.85 14.86 -0.02
C ILE A 31 -11.72 13.39 0.36
N TYR A 32 -11.49 12.54 -0.65
CA TYR A 32 -11.20 11.17 -0.44
C TYR A 32 -9.85 10.81 -1.07
N ALA A 33 -9.27 9.77 -0.50
CA ALA A 33 -8.16 9.13 -1.10
C ALA A 33 -8.35 7.60 -1.27
N ARG A 34 -7.88 7.09 -2.38
CA ARG A 34 -7.90 5.66 -2.61
C ARG A 34 -6.46 5.06 -2.59
N THR A 35 -6.32 3.86 -2.04
CA THR A 35 -5.05 3.14 -2.06
C THR A 35 -5.22 1.78 -2.72
N ASP A 36 -4.09 1.19 -3.01
CA ASP A 36 -4.00 -0.02 -3.77
C ASP A 36 -4.13 -1.26 -2.90
N ILE A 37 -3.70 -1.17 -1.64
CA ILE A 37 -3.78 -2.34 -0.72
C ILE A 37 -4.32 -2.05 0.65
N GLY A 38 -4.71 -0.81 0.90
CA GLY A 38 -5.14 -0.42 2.27
C GLY A 38 -6.41 0.40 2.31
N GLY A 39 -7.33 0.10 1.43
CA GLY A 39 -8.68 0.73 1.53
C GLY A 39 -8.72 2.20 1.05
N ALA A 40 -9.69 2.92 1.56
CA ALA A 40 -10.01 4.28 1.15
C ALA A 40 -10.20 5.14 2.38
N TYR A 41 -10.00 6.45 2.22
CA TYR A 41 -10.08 7.38 3.32
C TYR A 41 -10.87 8.60 2.97
N ARG A 42 -11.40 9.23 4.00
CA ARG A 42 -12.07 10.55 3.88
C ARG A 42 -11.29 11.52 4.78
N TRP A 43 -11.03 12.71 4.26
CA TRP A 43 -10.39 13.71 5.01
C TRP A 43 -11.32 14.29 6.04
N ASN A 44 -10.76 14.50 7.23
CA ASN A 44 -11.44 15.23 8.32
C ASN A 44 -10.72 16.54 8.63
N SER A 45 -11.25 17.64 8.10
CA SER A 45 -10.66 18.96 8.28
C SER A 45 -10.62 19.38 9.73
N ALA A 46 -11.54 18.95 10.57
CA ALA A 46 -11.50 19.37 11.99
C ALA A 46 -10.31 18.76 12.77
N THR A 47 -9.87 17.58 12.42
CA THR A 47 -8.73 17.00 13.10
C THR A 47 -7.51 16.96 12.20
N SER A 48 -7.57 17.58 11.03
CA SER A 48 -6.53 17.50 10.06
C SER A 48 -5.95 16.05 9.86
N SER A 49 -6.85 15.08 9.77
CA SER A 49 -6.44 13.72 9.58
C SER A 49 -7.40 12.96 8.66
N TRP A 50 -6.89 11.91 8.06
CA TRP A 50 -7.70 11.03 7.22
C TRP A 50 -8.40 9.94 8.08
N ILE A 51 -9.58 9.53 7.63
CA ILE A 51 -10.39 8.50 8.28
C ILE A 51 -10.50 7.31 7.36
N PRO A 52 -9.99 6.13 7.80
CA PRO A 52 -10.11 4.96 6.95
C PRO A 52 -11.56 4.48 6.89
N LEU A 53 -12.01 4.05 5.73
CA LEU A 53 -13.42 3.69 5.49
C LEU A 53 -13.71 2.22 5.30
N LEU A 54 -12.68 1.42 5.07
CA LEU A 54 -12.85 0.02 4.68
C LEU A 54 -12.24 -1.00 5.65
N ASP A 55 -12.05 -0.61 6.90
CA ASP A 55 -11.40 -1.53 7.89
C ASP A 55 -12.24 -2.74 8.24
N TRP A 56 -13.51 -2.68 7.83
CA TRP A 56 -14.46 -3.79 7.96
C TRP A 56 -14.20 -4.93 6.96
N VAL A 57 -13.47 -4.67 5.87
CA VAL A 57 -13.02 -5.73 4.98
C VAL A 57 -12.19 -6.71 5.82
N GLY A 58 -12.48 -7.99 5.65
CA GLY A 58 -11.97 -9.06 6.50
C GLY A 58 -11.24 -10.17 5.75
N TRP A 59 -11.17 -11.33 6.42
CA TRP A 59 -10.27 -12.42 5.97
C TRP A 59 -10.69 -13.03 4.62
N ASP A 60 -11.99 -13.13 4.46
CA ASP A 60 -12.60 -13.84 3.36
C ASP A 60 -12.69 -12.96 2.11
N ASN A 61 -12.82 -11.63 2.29
CA ASN A 61 -12.98 -10.67 1.20
C ASN A 61 -11.86 -9.64 1.13
N TRP A 62 -10.68 -10.10 1.51
CA TRP A 62 -9.49 -9.29 1.72
C TRP A 62 -9.10 -8.42 0.55
N GLY A 63 -9.37 -8.89 -0.64
CA GLY A 63 -9.00 -8.10 -1.82
C GLY A 63 -9.82 -6.81 -2.00
N TRP A 64 -10.91 -6.63 -1.26
CA TRP A 64 -11.70 -5.40 -1.34
C TRP A 64 -11.00 -4.21 -0.71
N ASN A 65 -9.84 -4.44 -0.08
CA ASN A 65 -8.95 -3.32 0.29
C ASN A 65 -8.24 -2.68 -0.88
N GLY A 66 -8.30 -3.32 -2.05
CA GLY A 66 -7.82 -2.76 -3.25
C GLY A 66 -8.82 -1.80 -3.80
N VAL A 67 -8.50 -0.52 -3.91
CA VAL A 67 -9.48 0.43 -4.38
C VAL A 67 -9.07 0.98 -5.73
N MET A 68 -9.73 0.49 -6.78
CA MET A 68 -9.33 0.87 -8.10
C MET A 68 -9.84 2.25 -8.51
N SER A 69 -10.95 2.67 -7.91
CA SER A 69 -11.54 3.92 -8.30
C SER A 69 -12.52 4.33 -7.21
N LEU A 70 -12.76 5.62 -7.17
CA LEU A 70 -13.69 6.18 -6.20
C LEU A 70 -14.40 7.39 -6.85
N ALA A 71 -15.72 7.52 -6.65
CA ALA A 71 -16.43 8.69 -7.14
C ALA A 71 -17.28 9.28 -6.01
N THR A 72 -17.18 10.59 -5.85
CA THR A 72 -17.97 11.36 -4.85
C THR A 72 -18.93 12.28 -5.57
N ASP A 73 -20.21 12.23 -5.18
CA ASP A 73 -21.28 12.79 -6.00
C ASP A 73 -21.41 14.29 -5.83
N ALA A 74 -21.11 15.05 -6.89
CA ALA A 74 -21.30 16.50 -6.90
C ALA A 74 -22.76 16.95 -6.69
N ALA A 75 -23.71 16.10 -7.06
CA ALA A 75 -25.15 16.40 -6.89
C ALA A 75 -25.71 15.97 -5.53
N ASP A 76 -24.94 15.19 -4.78
CA ASP A 76 -25.33 14.77 -3.44
C ASP A 76 -24.09 14.31 -2.75
N PRO A 77 -23.40 15.23 -2.04
CA PRO A 77 -22.12 14.90 -1.40
C PRO A 77 -22.16 13.88 -0.27
N ASN A 78 -23.37 13.50 0.15
CA ASN A 78 -23.49 12.32 0.96
C ASN A 78 -23.14 11.03 0.27
N ARG A 79 -23.25 11.00 -1.07
CA ARG A 79 -23.10 9.74 -1.79
C ARG A 79 -21.66 9.57 -2.25
N VAL A 80 -21.15 8.37 -2.08
CA VAL A 80 -19.83 7.97 -2.56
C VAL A 80 -19.86 6.48 -2.95
N TYR A 81 -19.01 6.13 -3.92
CA TYR A 81 -18.88 4.82 -4.51
C TYR A 81 -17.40 4.40 -4.65
N ALA A 82 -17.12 3.11 -4.59
CA ALA A 82 -15.75 2.65 -4.80
C ALA A 82 -15.77 1.36 -5.57
N ALA A 83 -14.84 1.24 -6.47
CA ALA A 83 -14.64 -0.01 -7.21
C ALA A 83 -13.50 -0.79 -6.58
N VAL A 84 -13.77 -1.99 -6.08
CA VAL A 84 -12.82 -2.66 -5.17
C VAL A 84 -12.52 -4.07 -5.63
N GLY A 85 -11.38 -4.58 -5.15
CA GLY A 85 -10.75 -5.82 -5.65
C GLY A 85 -9.27 -5.51 -5.88
N MET A 86 -8.41 -6.50 -5.66
CA MET A 86 -6.98 -6.24 -5.64
C MET A 86 -6.20 -6.77 -6.83
N TYR A 87 -6.45 -8.00 -7.20
CA TYR A 87 -5.71 -8.60 -8.32
C TYR A 87 -6.70 -9.17 -9.32
N THR A 88 -6.31 -9.11 -10.61
CA THR A 88 -7.04 -9.69 -11.71
C THR A 88 -6.39 -11.01 -12.22
N ASN A 89 -5.33 -11.46 -11.57
CA ASN A 89 -4.71 -12.76 -11.83
C ASN A 89 -5.16 -13.71 -10.69
N THR A 90 -4.43 -14.82 -10.51
CA THR A 90 -4.88 -15.81 -9.53
C THR A 90 -4.62 -15.42 -8.07
N TRP A 91 -3.89 -14.33 -7.83
CA TRP A 91 -3.52 -13.96 -6.46
C TRP A 91 -4.71 -13.51 -5.62
N ASP A 92 -5.74 -12.93 -6.27
CA ASP A 92 -6.96 -12.58 -5.54
C ASP A 92 -7.96 -13.60 -6.01
N PRO A 93 -8.45 -14.46 -5.10
CA PRO A 93 -9.36 -15.50 -5.58
C PRO A 93 -10.78 -14.96 -5.85
N ASN A 94 -11.09 -13.73 -5.45
CA ASN A 94 -12.45 -13.20 -5.55
C ASN A 94 -12.56 -12.17 -6.66
N ASN A 95 -13.79 -12.06 -7.14
CA ASN A 95 -14.15 -10.97 -8.02
C ASN A 95 -14.19 -9.64 -7.32
N GLY A 96 -14.22 -8.61 -8.11
CA GLY A 96 -14.37 -7.27 -7.52
C GLY A 96 -15.83 -6.93 -7.16
N ALA A 97 -16.03 -5.65 -6.80
CA ALA A 97 -17.34 -5.19 -6.34
C ALA A 97 -17.43 -3.67 -6.48
N ILE A 98 -18.64 -3.18 -6.66
CA ILE A 98 -18.91 -1.75 -6.45
C ILE A 98 -19.57 -1.57 -5.11
N LEU A 99 -18.92 -0.78 -4.28
CA LEU A 99 -19.46 -0.38 -2.99
C LEU A 99 -20.17 0.95 -3.12
N ARG A 100 -21.33 1.08 -2.47
CA ARG A 100 -22.09 2.33 -2.45
C ARG A 100 -22.39 2.77 -1.01
N SER A 101 -22.39 4.08 -0.81
CA SER A 101 -22.70 4.62 0.46
C SER A 101 -23.51 5.91 0.29
N THR A 102 -24.30 6.19 1.32
CA THR A 102 -25.10 7.39 1.44
C THR A 102 -24.72 8.14 2.69
N ASP A 103 -23.57 7.82 3.30
CA ASP A 103 -23.10 8.54 4.47
C ASP A 103 -21.57 8.74 4.44
N ARG A 104 -21.06 9.05 3.25
CA ARG A 104 -19.70 9.49 3.01
C ARG A 104 -18.68 8.44 3.37
N GLY A 105 -19.12 7.19 3.28
CA GLY A 105 -18.30 6.01 3.54
C GLY A 105 -18.36 5.49 4.95
N ASN A 106 -19.20 6.03 5.80
CA ASN A 106 -19.34 5.48 7.15
C ASN A 106 -19.92 4.04 7.14
N THR A 107 -20.90 3.80 6.28
CA THR A 107 -21.37 2.47 5.97
C THR A 107 -21.46 2.26 4.45
N TRP A 108 -21.41 1.00 4.06
CA TRP A 108 -21.48 0.66 2.66
C TRP A 108 -22.42 -0.47 2.38
N GLN A 109 -22.93 -0.53 1.16
CA GLN A 109 -23.41 -1.80 0.65
C GLN A 109 -22.58 -2.21 -0.53
N ALA A 110 -22.54 -3.54 -0.79
CA ALA A 110 -21.75 -4.06 -1.85
C ALA A 110 -22.51 -4.73 -2.95
N THR A 111 -22.12 -4.46 -4.18
CA THR A 111 -22.64 -5.22 -5.30
C THR A 111 -21.48 -5.88 -6.02
N PRO A 112 -21.43 -7.22 -5.88
CA PRO A 112 -20.31 -7.95 -6.50
C PRO A 112 -20.41 -7.89 -8.00
N LEU A 113 -19.27 -7.79 -8.66
CA LEU A 113 -19.20 -7.81 -10.12
C LEU A 113 -18.85 -9.25 -10.56
N PRO A 114 -19.16 -9.61 -11.84
CA PRO A 114 -18.81 -10.95 -12.33
C PRO A 114 -17.36 -11.04 -12.83
N PHE A 115 -16.52 -10.08 -12.53
CA PHE A 115 -15.15 -10.13 -12.95
C PHE A 115 -14.26 -9.50 -11.87
N LYS A 116 -12.94 -9.64 -12.05
CA LYS A 116 -12.01 -9.12 -11.08
C LYS A 116 -11.68 -7.62 -11.30
N VAL A 117 -11.34 -6.96 -10.18
CA VAL A 117 -10.92 -5.56 -10.14
C VAL A 117 -9.49 -5.54 -9.64
N GLY A 118 -8.66 -4.72 -10.26
CA GLY A 118 -7.22 -4.83 -10.12
C GLY A 118 -6.62 -3.66 -9.34
N GLY A 119 -7.14 -3.45 -8.15
CA GLY A 119 -6.66 -2.37 -7.21
C GLY A 119 -5.14 -2.29 -7.01
N ASN A 120 -4.44 -3.44 -7.05
CA ASN A 120 -2.97 -3.44 -7.02
C ASN A 120 -2.29 -4.05 -8.26
N MET A 121 -2.93 -3.83 -9.40
CA MET A 121 -2.39 -4.25 -10.69
C MET A 121 -1.72 -3.10 -11.41
N PRO A 122 -0.93 -3.41 -12.46
CA PRO A 122 -0.44 -2.35 -13.39
C PRO A 122 -1.59 -1.54 -13.99
N GLY A 123 -1.35 -0.24 -14.19
CA GLY A 123 -2.34 0.65 -14.68
C GLY A 123 -3.23 1.31 -13.67
N ARG A 124 -3.03 1.03 -12.38
CA ARG A 124 -3.98 1.46 -11.31
C ARG A 124 -3.99 2.95 -11.04
N GLY A 125 -3.03 3.68 -11.59
CA GLY A 125 -2.97 5.14 -11.48
C GLY A 125 -3.73 5.89 -12.56
N MET A 126 -4.22 5.16 -13.56
CA MET A 126 -5.16 5.71 -14.49
C MET A 126 -6.55 5.77 -13.88
N GLY A 127 -7.28 6.82 -14.23
CA GLY A 127 -8.63 6.99 -13.76
C GLY A 127 -9.13 8.42 -13.78
N GLU A 128 -10.26 8.65 -13.16
CA GLU A 128 -11.06 7.64 -12.43
C GLU A 128 -11.99 6.86 -13.34
N ARG A 129 -11.97 5.55 -13.18
CA ARG A 129 -12.81 4.63 -13.90
C ARG A 129 -14.32 4.78 -13.56
N LEU A 130 -14.62 5.22 -12.36
CA LEU A 130 -15.99 5.36 -11.91
C LEU A 130 -16.38 6.78 -12.10
N ALA A 131 -17.55 7.03 -12.65
CA ALA A 131 -18.00 8.41 -12.83
C ALA A 131 -19.50 8.45 -12.74
N ILE A 132 -19.98 9.48 -12.05
CA ILE A 132 -21.40 9.71 -11.82
C ILE A 132 -21.88 10.81 -12.74
N ASP A 133 -23.03 10.59 -13.35
CA ASP A 133 -23.64 11.62 -14.15
C ASP A 133 -23.94 12.85 -13.26
N PRO A 134 -23.36 14.02 -13.61
CA PRO A 134 -23.53 15.19 -12.79
C PRO A 134 -24.93 15.80 -12.82
N ASN A 135 -25.74 15.49 -13.83
CA ASN A 135 -27.14 15.98 -13.97
C ASN A 135 -28.22 15.06 -13.47
N ARG A 136 -27.96 13.78 -13.59
CA ARG A 136 -28.86 12.73 -13.18
C ARG A 136 -28.06 11.64 -12.46
N ASN A 137 -27.99 11.78 -11.14
CA ASN A 137 -26.97 11.13 -10.32
C ASN A 137 -27.22 9.68 -9.96
N SER A 138 -28.39 9.19 -10.37
CA SER A 138 -28.66 7.77 -10.32
C SER A 138 -27.82 6.97 -11.31
N ILE A 139 -27.27 7.65 -12.32
CA ILE A 139 -26.43 7.00 -13.35
C ILE A 139 -24.93 7.03 -13.02
N ILE A 140 -24.28 5.88 -13.08
CA ILE A 140 -22.90 5.69 -12.75
C ILE A 140 -22.27 4.74 -13.79
N TYR A 141 -21.07 5.06 -14.23
CA TYR A 141 -20.35 4.22 -15.19
C TYR A 141 -19.09 3.71 -14.46
N TYR A 142 -18.65 2.53 -14.89
CA TYR A 142 -17.38 2.00 -14.45
C TYR A 142 -16.61 1.42 -15.65
N GLY A 143 -15.41 1.96 -15.94
CA GLY A 143 -14.48 1.36 -16.91
C GLY A 143 -13.75 0.15 -16.33
N ALA A 144 -13.97 -1.01 -16.94
CA ALA A 144 -13.48 -2.28 -16.37
C ALA A 144 -12.21 -2.80 -17.07
N GLU A 145 -11.51 -3.67 -16.37
CA GLU A 145 -10.30 -4.28 -16.89
C GLU A 145 -10.68 -5.60 -17.59
N GLY A 146 -9.71 -6.26 -18.18
CA GLY A 146 -9.84 -7.65 -18.59
C GLY A 146 -10.67 -7.90 -19.83
N GLY A 147 -10.94 -6.87 -20.62
CA GLY A 147 -11.87 -6.96 -21.73
C GLY A 147 -13.33 -6.91 -21.32
N ASN A 148 -13.63 -6.66 -20.04
CA ASN A 148 -15.04 -6.47 -19.66
C ASN A 148 -15.73 -5.23 -20.17
N GLY A 149 -14.97 -4.24 -20.62
CA GLY A 149 -15.50 -3.09 -21.28
C GLY A 149 -15.99 -2.02 -20.32
N LEU A 150 -17.06 -1.37 -20.73
CA LEU A 150 -17.69 -0.31 -19.98
C LEU A 150 -18.93 -0.86 -19.34
N TRP A 151 -19.07 -0.62 -18.03
CA TRP A 151 -20.24 -1.03 -17.28
C TRP A 151 -21.00 0.17 -16.70
N ARG A 152 -22.27 -0.05 -16.38
CA ARG A 152 -23.22 1.00 -16.03
C ARG A 152 -24.21 0.55 -14.99
N SER A 153 -24.52 1.47 -14.09
CA SER A 153 -25.65 1.36 -13.17
C SER A 153 -26.57 2.56 -13.39
N THR A 154 -27.87 2.28 -13.43
CA THR A 154 -28.87 3.35 -13.47
C THR A 154 -29.71 3.46 -12.20
N ASP A 155 -29.24 2.83 -11.12
CA ASP A 155 -29.98 2.85 -9.84
C ASP A 155 -29.03 3.08 -8.65
N TYR A 156 -28.18 4.11 -8.76
CA TYR A 156 -27.32 4.50 -7.66
C TYR A 156 -26.39 3.36 -7.20
N GLY A 157 -25.96 2.54 -8.15
CA GLY A 157 -24.94 1.54 -7.95
C GLY A 157 -25.45 0.25 -7.40
N ALA A 158 -26.75 0.10 -7.31
CA ALA A 158 -27.26 -1.13 -6.76
C ALA A 158 -27.09 -2.31 -7.70
N THR A 159 -27.33 -2.10 -8.98
CA THR A 159 -27.19 -3.14 -9.98
C THR A 159 -26.41 -2.63 -11.14
N TRP A 160 -25.58 -3.50 -11.70
CA TRP A 160 -24.63 -3.13 -12.71
C TRP A 160 -24.75 -4.07 -13.90
N ALA A 161 -24.63 -3.55 -15.09
CA ALA A 161 -24.62 -4.41 -16.25
C ALA A 161 -23.67 -3.80 -17.27
N LYS A 162 -23.15 -4.67 -18.17
CA LYS A 162 -22.31 -4.20 -19.31
C LYS A 162 -23.04 -3.28 -20.24
N VAL A 163 -22.38 -2.22 -20.70
CA VAL A 163 -22.88 -1.40 -21.76
C VAL A 163 -22.44 -2.10 -23.04
N SER A 164 -23.36 -2.83 -23.66
CA SER A 164 -23.02 -3.68 -24.77
C SER A 164 -22.78 -2.89 -26.05
N SER A 165 -23.24 -1.66 -26.18
CA SER A 165 -22.86 -0.85 -27.32
C SER A 165 -21.43 -0.30 -27.23
N PHE A 166 -20.71 -0.54 -26.12
CA PHE A 166 -19.32 -0.06 -25.99
C PHE A 166 -18.46 -1.25 -26.29
N THR A 167 -18.03 -1.36 -27.51
CA THR A 167 -17.46 -2.62 -27.93
C THR A 167 -15.94 -2.75 -27.75
N ASN A 168 -15.21 -1.67 -27.55
CA ASN A 168 -13.76 -1.78 -27.33
C ASN A 168 -13.35 -1.92 -25.85
N GLY A 169 -13.12 -3.13 -25.39
CA GLY A 169 -12.64 -3.40 -24.00
C GLY A 169 -11.13 -3.18 -23.80
N GLY A 170 -10.42 -2.75 -24.83
CA GLY A 170 -8.99 -2.49 -24.71
C GLY A 170 -8.14 -3.70 -25.11
N ASN A 171 -6.90 -3.43 -25.55
CA ASN A 171 -5.93 -4.49 -25.86
C ASN A 171 -4.52 -4.32 -25.25
N TYR A 172 -4.24 -3.16 -24.65
CA TYR A 172 -2.99 -3.00 -23.94
C TYR A 172 -2.83 -3.79 -22.63
N ALA A 173 -1.67 -4.41 -22.53
CA ALA A 173 -1.10 -4.90 -21.25
C ALA A 173 0.38 -4.49 -21.21
N GLN A 174 0.90 -4.32 -20.02
CA GLN A 174 2.22 -3.80 -19.83
C GLN A 174 3.26 -4.71 -20.49
N ASP A 175 3.17 -6.00 -20.21
CA ASP A 175 3.97 -7.00 -20.90
C ASP A 175 3.07 -8.23 -21.10
N PRO A 176 2.51 -8.37 -22.29
CA PRO A 176 1.75 -9.57 -22.69
C PRO A 176 2.48 -10.90 -22.45
N ASN A 177 3.80 -10.94 -22.45
CA ASN A 177 4.47 -12.24 -22.30
C ASN A 177 5.04 -12.51 -20.94
N ASP A 178 4.64 -11.76 -19.92
CA ASP A 178 5.09 -11.99 -18.56
C ASP A 178 4.83 -13.43 -18.10
N PRO A 179 5.89 -14.22 -17.93
CA PRO A 179 5.63 -15.59 -17.44
C PRO A 179 5.07 -15.68 -16.02
N ASN A 180 5.18 -14.59 -15.25
CA ASN A 180 4.62 -14.58 -13.90
C ASN A 180 3.17 -14.22 -13.83
N ASP A 181 2.52 -13.92 -14.95
CA ASP A 181 1.12 -13.70 -14.95
C ASP A 181 0.72 -12.49 -14.07
N TYR A 182 1.57 -11.47 -14.00
CA TYR A 182 1.24 -10.23 -13.29
C TYR A 182 1.13 -9.03 -14.26
N LEU A 183 2.03 -8.93 -15.22
CA LEU A 183 2.02 -7.78 -16.13
C LEU A 183 1.20 -7.95 -17.39
N ASN A 184 0.58 -9.09 -17.52
CA ASN A 184 -0.01 -9.51 -18.83
C ASN A 184 -1.50 -9.27 -18.95
N LYS A 185 -2.13 -8.51 -18.04
CA LYS A 185 -3.61 -8.31 -18.03
C LYS A 185 -4.04 -7.08 -18.77
N ILE A 186 -5.22 -7.19 -19.41
CA ILE A 186 -5.77 -6.07 -20.15
C ILE A 186 -6.24 -4.98 -19.20
N GLN A 187 -5.67 -3.80 -19.35
CA GLN A 187 -5.92 -2.72 -18.39
C GLN A 187 -7.28 -2.09 -18.68
N GLY A 188 -7.69 -2.13 -19.93
CA GLY A 188 -9.09 -1.91 -20.26
C GLY A 188 -9.59 -0.48 -20.48
N VAL A 189 -10.77 -0.21 -19.95
CA VAL A 189 -11.38 1.11 -20.09
C VAL A 189 -11.03 1.89 -18.85
N VAL A 190 -10.37 3.03 -19.06
CA VAL A 190 -9.54 3.59 -17.98
C VAL A 190 -10.08 4.82 -17.30
N TRP A 191 -10.99 5.55 -17.92
CA TRP A 191 -11.66 6.65 -17.22
C TRP A 191 -12.92 7.05 -17.99
N VAL A 192 -13.83 7.69 -17.31
CA VAL A 192 -15.10 8.15 -17.89
C VAL A 192 -15.30 9.56 -17.45
N THR A 193 -15.62 10.44 -18.37
CA THR A 193 -15.69 11.84 -18.05
C THR A 193 -16.91 12.48 -18.71
N PHE A 194 -17.79 13.04 -17.91
CA PHE A 194 -18.97 13.71 -18.47
C PHE A 194 -18.76 15.15 -18.92
N ASP A 195 -19.64 15.59 -19.82
CA ASP A 195 -19.75 17.01 -20.14
C ASP A 195 -20.96 17.51 -19.40
N PRO A 196 -20.71 18.26 -18.31
CA PRO A 196 -21.91 18.68 -17.52
C PRO A 196 -22.96 19.55 -18.23
N ALA A 197 -22.57 20.27 -19.29
CA ALA A 197 -23.48 21.12 -20.08
C ALA A 197 -24.40 20.33 -21.01
N SER A 198 -24.20 19.02 -21.17
CA SER A 198 -24.99 18.17 -22.05
C SER A 198 -26.24 17.60 -21.39
N GLY A 199 -26.55 18.06 -20.20
CA GLY A 199 -27.80 17.69 -19.55
C GLY A 199 -28.19 18.84 -18.68
N SER A 200 -29.33 18.74 -18.04
CA SER A 200 -29.67 19.69 -17.01
C SER A 200 -30.24 18.91 -15.84
N ALA A 201 -30.52 19.61 -14.74
CA ALA A 201 -30.87 18.93 -13.49
C ALA A 201 -32.04 17.89 -13.59
N GLY A 202 -31.76 16.66 -13.22
CA GLY A 202 -32.70 15.54 -13.39
C GLY A 202 -32.74 14.81 -14.72
N ASN A 203 -32.01 15.32 -15.69
CA ASN A 203 -31.98 14.75 -17.03
C ASN A 203 -30.57 14.18 -17.36
N THR A 204 -30.56 13.02 -18.01
CA THR A 204 -29.36 12.32 -18.47
C THR A 204 -28.40 13.21 -19.27
N SER A 205 -27.14 13.20 -18.87
CA SER A 205 -26.12 13.92 -19.63
C SER A 205 -25.93 13.16 -20.95
N GLN A 206 -26.06 13.88 -22.05
CA GLN A 206 -26.02 13.30 -23.40
C GLN A 206 -24.58 13.01 -23.91
N VAL A 207 -23.60 13.78 -23.41
CA VAL A 207 -22.18 13.74 -23.89
C VAL A 207 -21.24 13.22 -22.81
N ILE A 208 -20.63 12.08 -23.11
CA ILE A 208 -19.81 11.35 -22.22
C ILE A 208 -18.55 10.99 -23.03
N TYR A 209 -17.38 11.12 -22.42
CA TYR A 209 -16.11 10.75 -23.06
C TYR A 209 -15.50 9.59 -22.28
N VAL A 210 -14.85 8.65 -22.98
CA VAL A 210 -14.30 7.46 -22.37
C VAL A 210 -12.92 7.18 -22.91
N GLY A 211 -11.97 6.87 -22.00
CA GLY A 211 -10.58 6.63 -22.38
C GLY A 211 -10.42 5.12 -22.29
N VAL A 212 -9.73 4.56 -23.27
CA VAL A 212 -9.49 3.16 -23.35
C VAL A 212 -7.97 2.94 -23.51
N ALA A 213 -7.46 1.93 -22.84
CA ALA A 213 -6.04 1.59 -22.99
C ALA A 213 -5.86 0.79 -24.27
N ASP A 214 -5.91 1.51 -25.37
CA ASP A 214 -5.69 0.97 -26.73
C ASP A 214 -5.06 2.13 -27.50
N THR A 215 -3.80 1.94 -27.92
CA THR A 215 -3.02 3.02 -28.53
C THR A 215 -3.61 3.55 -29.83
N GLN A 216 -4.38 2.72 -30.51
CA GLN A 216 -4.99 3.11 -31.82
C GLN A 216 -6.40 3.65 -31.68
N ASN A 217 -7.02 3.48 -30.49
CA ASN A 217 -8.39 3.91 -30.25
C ASN A 217 -8.58 4.36 -28.79
N ALA A 218 -7.90 5.44 -28.42
CA ALA A 218 -7.77 5.78 -27.01
C ALA A 218 -9.01 6.50 -26.44
N ILE A 219 -9.77 7.17 -27.29
CA ILE A 219 -10.84 8.06 -26.87
C ILE A 219 -12.13 7.74 -27.63
N TYR A 220 -13.20 7.45 -26.86
CA TYR A 220 -14.57 7.33 -27.37
C TYR A 220 -15.47 8.45 -26.86
N ARG A 221 -16.56 8.65 -27.56
CA ARG A 221 -17.56 9.64 -27.17
C ARG A 221 -18.96 9.06 -27.43
N SER A 222 -19.91 9.36 -26.57
CA SER A 222 -21.33 9.15 -26.88
C SER A 222 -21.90 10.52 -26.91
N THR A 223 -22.79 10.79 -27.87
CA THR A 223 -23.52 12.04 -27.88
C THR A 223 -24.99 11.81 -27.68
N ASP A 224 -25.37 10.58 -27.32
CA ASP A 224 -26.77 10.27 -27.09
C ASP A 224 -27.05 9.66 -25.70
N GLY A 225 -26.34 10.10 -24.69
CA GLY A 225 -26.55 9.59 -23.35
C GLY A 225 -26.17 8.17 -23.14
N GLY A 226 -25.20 7.68 -23.91
CA GLY A 226 -24.60 6.36 -23.70
C GLY A 226 -25.25 5.22 -24.45
N THR A 227 -26.19 5.54 -25.36
CA THR A 227 -26.89 4.53 -26.18
C THR A 227 -25.92 3.97 -27.26
N THR A 228 -25.18 4.86 -27.90
CA THR A 228 -24.18 4.50 -28.90
C THR A 228 -22.86 5.24 -28.67
N TRP A 229 -21.77 4.70 -29.22
CA TRP A 229 -20.42 5.19 -28.90
C TRP A 229 -19.59 5.22 -30.16
N SER A 230 -18.73 6.21 -30.29
CA SER A 230 -17.81 6.32 -31.43
C SER A 230 -16.42 6.62 -30.98
N ARG A 231 -15.43 6.03 -31.66
CA ARG A 231 -14.08 6.55 -31.54
C ARG A 231 -14.07 7.98 -32.00
N LEU A 232 -13.36 8.85 -31.32
CA LEU A 232 -13.44 10.25 -31.63
C LEU A 232 -12.55 10.59 -32.83
N ALA A 233 -13.14 11.30 -33.80
CA ALA A 233 -12.46 11.61 -35.05
C ALA A 233 -11.23 12.47 -34.83
N GLY A 234 -10.13 12.13 -35.52
CA GLY A 234 -8.95 13.01 -35.60
C GLY A 234 -7.97 12.93 -34.41
N GLN A 235 -8.25 12.04 -33.47
CA GLN A 235 -7.46 11.89 -32.26
C GLN A 235 -6.09 11.34 -32.57
N PRO A 236 -5.12 11.63 -31.71
CA PRO A 236 -3.78 11.06 -31.95
C PRO A 236 -3.71 9.57 -31.60
N THR A 237 -2.66 8.90 -32.08
CA THR A 237 -2.43 7.49 -31.82
C THR A 237 -1.03 7.23 -31.29
N GLY A 238 -0.87 6.04 -30.71
CA GLY A 238 0.42 5.52 -30.27
C GLY A 238 0.61 5.61 -28.75
N PHE A 239 -0.39 6.13 -28.00
CA PHE A 239 -0.24 6.37 -26.56
C PHE A 239 -1.56 6.03 -25.83
N LEU A 240 -1.44 5.86 -24.51
CA LEU A 240 -2.52 5.45 -23.58
C LEU A 240 -2.95 6.67 -22.78
N PRO A 241 -4.26 6.91 -22.66
CA PRO A 241 -4.73 8.15 -22.02
C PRO A 241 -4.84 7.97 -20.47
N HIS A 242 -3.89 8.51 -19.68
CA HIS A 242 -3.96 8.34 -18.22
C HIS A 242 -5.09 9.12 -17.58
N LYS A 243 -5.41 10.28 -18.15
CA LYS A 243 -6.39 11.20 -17.60
C LYS A 243 -7.15 11.92 -18.69
N GLY A 244 -8.46 12.14 -18.49
CA GLY A 244 -9.28 12.98 -19.37
C GLY A 244 -10.12 13.88 -18.49
N VAL A 245 -9.88 15.16 -18.61
CA VAL A 245 -10.47 16.13 -17.75
C VAL A 245 -11.24 17.09 -18.65
N TYR A 246 -12.55 17.22 -18.43
CA TYR A 246 -13.39 18.06 -19.30
C TYR A 246 -13.70 19.41 -18.64
N ASP A 247 -13.58 20.47 -19.41
CA ASP A 247 -13.92 21.83 -18.97
C ASP A 247 -15.11 22.34 -19.80
N ALA A 248 -16.26 22.45 -19.17
CA ALA A 248 -17.47 22.97 -19.83
C ALA A 248 -17.43 24.50 -19.97
N VAL A 249 -16.58 25.18 -19.22
CA VAL A 249 -16.44 26.63 -19.36
C VAL A 249 -15.91 26.92 -20.76
N ASN A 250 -14.80 26.32 -21.16
CA ASN A 250 -14.29 26.53 -22.51
C ASN A 250 -14.67 25.51 -23.53
N GLY A 251 -15.32 24.43 -23.13
CA GLY A 251 -15.79 23.43 -24.04
C GLY A 251 -14.64 22.63 -24.59
N VAL A 252 -13.73 22.17 -23.72
CA VAL A 252 -12.51 21.42 -24.14
C VAL A 252 -12.24 20.20 -23.25
N LEU A 253 -11.74 19.17 -23.86
CA LEU A 253 -11.36 17.99 -23.17
C LEU A 253 -9.82 17.97 -23.22
N TYR A 254 -9.21 17.86 -22.04
CA TYR A 254 -7.76 17.74 -21.92
C TYR A 254 -7.44 16.32 -21.62
N ILE A 255 -6.44 15.75 -22.31
CA ILE A 255 -6.02 14.39 -22.10
C ILE A 255 -4.49 14.32 -21.96
N ALA A 256 -4.05 13.55 -20.94
CA ALA A 256 -2.65 13.27 -20.74
C ALA A 256 -2.33 11.83 -21.09
N TYR A 257 -1.29 11.65 -21.91
CA TYR A 257 -0.97 10.35 -22.43
C TYR A 257 0.46 9.96 -22.08
N SER A 258 0.66 8.65 -22.00
CA SER A 258 1.93 8.05 -21.82
C SER A 258 2.03 6.77 -22.66
N ASP A 259 3.23 6.31 -22.86
CA ASP A 259 3.47 5.11 -23.64
C ASP A 259 3.30 3.82 -22.80
N THR A 260 3.02 3.91 -21.51
CA THR A 260 2.74 2.70 -20.73
C THR A 260 1.64 3.04 -19.75
N GLY A 261 1.14 2.01 -19.05
CA GLY A 261 -0.01 2.21 -18.15
C GLY A 261 0.36 2.78 -16.81
N GLY A 262 1.66 2.79 -16.47
CA GLY A 262 2.09 3.15 -15.16
C GLY A 262 1.83 2.04 -14.14
N PRO A 263 2.24 2.27 -12.90
CA PRO A 263 2.64 3.54 -12.32
C PRO A 263 4.14 3.77 -12.21
N TYR A 264 4.91 2.72 -12.50
CA TYR A 264 6.36 2.73 -12.39
C TYR A 264 7.13 3.26 -13.62
N ASP A 265 6.49 3.33 -14.77
CA ASP A 265 7.22 3.64 -16.02
C ASP A 265 6.48 4.63 -16.85
N GLY A 266 7.01 4.92 -18.05
CA GLY A 266 6.48 5.97 -18.95
C GLY A 266 7.65 6.81 -19.46
N ALA A 267 7.96 6.65 -20.75
CA ALA A 267 9.12 7.24 -21.43
C ALA A 267 8.78 8.31 -22.45
N LYS A 268 7.52 8.33 -22.88
CA LYS A 268 7.05 9.26 -23.90
C LYS A 268 5.59 9.48 -23.71
N GLY A 269 5.13 10.62 -24.19
CA GLY A 269 3.69 10.94 -24.13
C GLY A 269 3.48 12.30 -24.66
N ASP A 270 2.24 12.76 -24.55
CA ASP A 270 1.83 14.04 -25.03
C ASP A 270 0.64 14.51 -24.17
N VAL A 271 0.36 15.81 -24.20
CA VAL A 271 -0.91 16.37 -23.66
C VAL A 271 -1.65 17.00 -24.83
N TRP A 272 -2.91 16.60 -24.99
CA TRP A 272 -3.73 17.14 -26.06
C TRP A 272 -4.96 17.84 -25.50
N LYS A 273 -5.46 18.75 -26.31
CA LYS A 273 -6.67 19.48 -26.08
C LYS A 273 -7.59 19.17 -27.27
N PHE A 274 -8.83 18.76 -26.97
CA PHE A 274 -9.87 18.58 -27.96
C PHE A 274 -10.97 19.61 -27.75
N THR A 275 -11.18 20.48 -28.72
CA THR A 275 -12.20 21.50 -28.63
C THR A 275 -13.51 20.92 -29.17
N ALA A 276 -14.54 20.86 -28.32
CA ALA A 276 -15.73 20.12 -28.68
C ALA A 276 -16.53 20.79 -29.80
N SER A 277 -16.72 22.10 -29.78
CA SER A 277 -17.56 22.74 -30.86
C SER A 277 -16.98 22.47 -32.23
N SER A 278 -15.65 22.52 -32.35
CA SER A 278 -15.01 22.46 -33.67
C SER A 278 -14.54 21.11 -34.03
N GLY A 279 -14.42 20.21 -33.03
CA GLY A 279 -13.74 18.94 -33.24
C GLY A 279 -12.22 19.07 -33.44
N THR A 280 -11.62 20.22 -33.14
CA THR A 280 -10.20 20.41 -33.39
C THR A 280 -9.34 19.79 -32.29
N TRP A 281 -8.22 19.19 -32.68
CA TRP A 281 -7.21 18.68 -31.75
C TRP A 281 -5.98 19.53 -31.84
N THR A 282 -5.41 19.89 -30.68
CA THR A 282 -4.20 20.69 -30.58
C THR A 282 -3.23 20.00 -29.59
N ASN A 283 -1.98 19.76 -30.00
CA ASN A 283 -0.97 19.27 -29.09
C ASN A 283 -0.53 20.42 -28.20
N ILE A 284 -0.81 20.34 -26.88
CA ILE A 284 -0.41 21.37 -25.94
C ILE A 284 0.65 20.80 -24.96
N SER A 285 1.40 19.79 -25.38
CA SER A 285 2.43 19.23 -24.54
C SER A 285 3.45 20.30 -24.16
N PRO A 286 3.79 20.42 -22.84
CA PRO A 286 4.94 21.28 -22.45
C PRO A 286 6.19 20.86 -23.24
N ILE A 287 6.43 19.54 -23.37
CA ILE A 287 7.41 18.93 -24.25
C ILE A 287 6.75 17.78 -25.04
N PRO A 288 6.64 17.92 -26.36
CA PRO A 288 5.98 16.89 -27.16
C PRO A 288 6.77 15.64 -27.35
N SER A 289 6.11 14.50 -27.57
CA SER A 289 6.83 13.25 -27.78
C SER A 289 7.71 13.27 -29.01
N SER A 290 7.48 14.18 -29.94
CA SER A 290 8.35 14.30 -31.08
C SER A 290 9.70 14.88 -30.70
N SER A 291 9.82 15.50 -29.51
CA SER A 291 11.08 16.02 -29.04
C SER A 291 11.90 14.92 -28.39
N SER A 292 13.18 14.90 -28.74
CA SER A 292 14.11 13.96 -28.16
C SER A 292 14.51 14.48 -26.78
N ASP A 293 14.10 15.67 -26.35
CA ASP A 293 14.26 16.05 -24.94
C ASP A 293 13.26 15.35 -24.04
N LEU A 294 12.19 14.73 -24.59
CA LEU A 294 11.19 14.13 -23.74
C LEU A 294 11.61 12.75 -23.26
N TYR A 295 11.63 12.55 -21.95
CA TYR A 295 11.99 11.22 -21.37
C TYR A 295 10.92 10.68 -20.39
N PHE A 296 9.70 11.14 -20.58
CA PHE A 296 8.59 10.74 -19.76
C PHE A 296 7.28 10.91 -20.51
N GLY A 297 6.27 10.19 -20.02
CA GLY A 297 4.88 10.45 -20.33
C GLY A 297 4.27 11.44 -19.41
N TYR A 298 2.96 11.59 -19.53
CA TYR A 298 2.22 12.61 -18.78
C TYR A 298 1.07 11.98 -18.05
N SER A 299 0.90 12.40 -16.81
CA SER A 299 -0.27 12.15 -16.01
C SER A 299 -0.41 13.33 -15.03
N GLY A 300 -1.11 13.14 -13.91
CA GLY A 300 -1.33 14.21 -12.97
C GLY A 300 -1.97 15.41 -13.60
N LEU A 301 -2.87 15.16 -14.54
CA LEU A 301 -3.63 16.24 -15.18
C LEU A 301 -4.73 16.80 -14.25
N THR A 302 -4.80 18.12 -14.12
CA THR A 302 -5.87 18.72 -13.31
C THR A 302 -6.17 20.12 -13.81
N ILE A 303 -7.42 20.52 -13.65
CA ILE A 303 -7.82 21.84 -14.04
C ILE A 303 -8.22 22.58 -12.75
N ASP A 304 -7.95 23.87 -12.72
CA ASP A 304 -8.34 24.74 -11.66
C ASP A 304 -9.81 25.12 -11.94
N ARG A 305 -10.77 24.55 -11.21
CA ARG A 305 -12.19 24.83 -11.51
C ARG A 305 -12.57 26.26 -11.28
N LYS A 306 -12.04 26.90 -10.24
CA LYS A 306 -12.35 28.29 -10.07
C LYS A 306 -11.71 29.23 -11.14
N ASN A 307 -10.66 28.80 -11.83
CA ASN A 307 -9.95 29.58 -12.92
C ASN A 307 -9.58 28.66 -14.03
N PRO A 308 -10.58 28.27 -14.88
CA PRO A 308 -10.36 27.08 -15.71
C PRO A 308 -9.48 27.25 -16.90
N ASN A 309 -8.90 28.43 -17.12
CA ASN A 309 -7.71 28.51 -18.01
C ASN A 309 -6.42 28.00 -17.40
N THR A 310 -6.45 27.73 -16.09
CA THR A 310 -5.29 27.19 -15.42
C THR A 310 -5.42 25.67 -15.36
N LEU A 311 -4.33 25.01 -15.75
CA LEU A 311 -4.22 23.58 -15.60
C LEU A 311 -2.79 23.16 -15.29
N MET A 312 -2.67 21.94 -14.77
CA MET A 312 -1.37 21.39 -14.46
C MET A 312 -1.32 19.96 -14.96
N VAL A 313 -0.11 19.52 -15.21
CA VAL A 313 0.16 18.18 -15.58
C VAL A 313 1.57 17.80 -15.03
N ALA A 314 1.89 16.51 -14.94
CA ALA A 314 3.17 16.06 -14.37
C ALA A 314 3.77 14.93 -15.15
N SER A 315 5.05 14.65 -14.83
CA SER A 315 5.79 13.58 -15.44
C SER A 315 5.34 12.21 -14.99
N GLN A 316 5.11 11.34 -15.97
CA GLN A 316 4.84 9.94 -15.69
C GLN A 316 5.74 9.10 -16.64
N ILE A 317 7.01 8.83 -16.29
CA ILE A 317 7.59 9.15 -15.00
C ILE A 317 8.96 9.72 -15.22
N ALA A 318 9.33 10.69 -14.40
CA ALA A 318 10.67 11.16 -14.35
C ALA A 318 11.24 10.79 -12.97
N TRP A 319 12.21 9.87 -12.98
CA TRP A 319 12.94 9.46 -11.82
C TRP A 319 14.12 10.39 -11.46
N TRP A 320 14.74 11.01 -12.45
CA TRP A 320 16.07 11.57 -12.29
C TRP A 320 16.16 12.94 -12.97
N PRO A 321 16.49 14.02 -12.23
CA PRO A 321 16.72 14.02 -10.79
C PRO A 321 15.45 13.91 -9.99
N ASP A 322 14.29 14.14 -10.61
CA ASP A 322 13.02 14.27 -9.84
C ASP A 322 11.85 14.37 -10.80
N ALA A 323 10.65 14.26 -10.24
CA ALA A 323 9.43 14.58 -10.98
C ALA A 323 9.48 16.03 -11.50
N VAL A 324 8.73 16.27 -12.58
CA VAL A 324 8.50 17.61 -13.10
C VAL A 324 6.99 17.85 -13.18
N PHE A 325 6.56 19.00 -12.66
CA PHE A 325 5.19 19.48 -12.74
C PHE A 325 5.23 20.73 -13.60
N PHE A 326 4.17 20.92 -14.37
CA PHE A 326 4.03 22.03 -15.32
C PHE A 326 2.73 22.71 -15.01
N ARG A 327 2.71 24.04 -15.16
CA ARG A 327 1.52 24.81 -14.94
C ARG A 327 1.33 25.74 -16.13
N SER A 328 0.09 25.82 -16.62
CA SER A 328 -0.30 26.81 -17.64
C SER A 328 -1.45 27.66 -17.08
N THR A 329 -1.50 28.94 -17.41
CA THR A 329 -2.61 29.77 -17.01
C THR A 329 -3.32 30.27 -18.25
N ASN A 330 -3.10 29.66 -19.39
CA ASN A 330 -3.72 30.10 -20.61
C ASN A 330 -4.16 28.94 -21.43
N GLY A 331 -4.73 27.92 -20.76
CA GLY A 331 -5.39 26.83 -21.46
C GLY A 331 -4.43 25.95 -22.20
N GLY A 332 -3.17 25.94 -21.78
CA GLY A 332 -2.18 25.12 -22.44
C GLY A 332 -1.41 25.74 -23.57
N ALA A 333 -1.66 27.03 -23.90
CA ALA A 333 -0.89 27.72 -24.93
C ALA A 333 0.57 27.80 -24.54
N SER A 334 0.84 27.95 -23.25
CA SER A 334 2.23 27.87 -22.75
C SER A 334 2.28 27.47 -21.28
N TRP A 335 3.48 27.04 -20.89
CA TRP A 335 3.71 26.44 -19.61
C TRP A 335 4.97 26.94 -18.92
N THR A 336 5.01 26.81 -17.60
CA THR A 336 6.19 26.99 -16.82
C THR A 336 6.34 25.72 -16.02
N ARG A 337 7.53 25.51 -15.52
CA ARG A 337 7.85 24.25 -14.83
C ARG A 337 8.27 24.56 -13.42
N ILE A 338 8.08 23.57 -12.54
CA ILE A 338 8.27 23.74 -11.14
C ILE A 338 9.78 23.78 -10.77
N TRP A 339 10.64 23.27 -11.63
CA TRP A 339 12.10 23.50 -11.48
C TRP A 339 12.75 23.64 -12.83
N ASP A 340 13.89 24.30 -12.86
CA ASP A 340 14.63 24.48 -14.11
C ASP A 340 16.13 24.22 -13.89
N TRP A 341 16.82 23.72 -14.93
CA TRP A 341 18.28 23.61 -14.89
C TRP A 341 18.78 25.02 -14.98
N THR A 342 19.76 25.34 -14.16
CA THR A 342 20.54 26.55 -14.29
C THR A 342 21.84 26.18 -14.99
N SER A 343 22.87 25.79 -14.25
CA SER A 343 24.07 25.17 -14.87
C SER A 343 24.26 23.83 -14.19
N TYR A 344 24.21 22.75 -15.00
CA TYR A 344 24.25 21.39 -14.47
C TYR A 344 25.36 21.28 -13.43
N PRO A 345 25.14 20.70 -12.24
CA PRO A 345 23.92 19.97 -11.83
C PRO A 345 22.90 20.80 -11.03
N SER A 346 23.02 22.15 -11.08
CA SER A 346 22.23 23.06 -10.28
C SER A 346 20.89 23.33 -10.90
N ARG A 347 19.91 23.57 -10.03
CA ARG A 347 18.53 23.86 -10.48
C ARG A 347 17.97 25.02 -9.71
N SER A 348 17.04 25.76 -10.29
CA SER A 348 16.21 26.67 -9.54
C SER A 348 14.86 25.98 -9.35
N PHE A 349 14.19 26.40 -8.29
CA PHE A 349 12.94 25.83 -7.86
C PHE A 349 11.81 26.86 -7.63
N ARG A 350 10.60 26.50 -8.08
CA ARG A 350 9.39 27.24 -7.73
C ARG A 350 8.67 26.68 -6.50
N TYR A 351 9.37 25.89 -5.70
CA TYR A 351 8.81 25.36 -4.47
C TYR A 351 9.83 25.21 -3.40
N THR A 352 9.33 25.08 -2.17
CA THR A 352 10.12 24.60 -1.03
C THR A 352 9.26 23.50 -0.36
N MET A 353 9.92 22.67 0.40
CA MET A 353 9.29 21.52 1.00
C MET A 353 9.63 21.51 2.46
N ASP A 354 8.64 21.33 3.34
CA ASP A 354 8.86 21.17 4.78
C ASP A 354 8.30 19.81 5.25
N ILE A 355 9.19 18.87 5.56
CA ILE A 355 8.82 17.55 6.09
C ILE A 355 9.05 17.40 7.59
N THR A 356 9.10 18.50 8.33
CA THR A 356 9.27 18.37 9.78
C THR A 356 8.21 17.49 10.43
N GLU A 357 7.02 17.36 9.85
CA GLU A 357 6.00 16.51 10.51
C GLU A 357 6.19 15.02 10.14
N VAL A 358 6.91 14.77 9.03
CA VAL A 358 7.20 13.43 8.57
C VAL A 358 8.68 13.35 8.14
N PRO A 359 9.59 13.38 9.14
CA PRO A 359 11.00 13.65 8.79
C PRO A 359 11.71 12.50 8.11
N TRP A 360 11.18 11.28 8.23
CA TRP A 360 11.79 10.15 7.52
C TRP A 360 11.70 10.23 6.01
N LEU A 361 10.89 11.15 5.45
CA LEU A 361 10.81 11.32 4.02
C LEU A 361 12.12 11.82 3.37
N ASN A 362 13.13 12.10 4.18
CA ASN A 362 14.48 12.23 3.61
C ASN A 362 15.19 10.93 3.29
N PHE A 363 14.55 9.81 3.66
CA PHE A 363 15.07 8.46 3.47
C PHE A 363 16.46 8.29 4.07
N GLY A 364 16.73 9.02 5.15
CA GLY A 364 17.94 8.91 5.88
C GLY A 364 19.11 9.61 5.23
N ASN A 365 18.90 10.46 4.23
CA ASN A 365 19.99 11.24 3.66
C ASN A 365 19.44 12.56 3.16
N SER A 366 19.70 13.61 3.92
CA SER A 366 19.20 14.90 3.57
C SER A 366 20.03 15.56 2.50
N ASN A 367 21.22 15.02 2.19
CA ASN A 367 22.15 15.64 1.21
C ASN A 367 22.73 14.75 0.20
N PRO A 368 21.90 14.23 -0.68
CA PRO A 368 22.45 13.40 -1.78
C PRO A 368 23.19 14.31 -2.74
N VAL A 369 24.01 13.73 -3.62
CA VAL A 369 24.76 14.55 -4.56
C VAL A 369 23.86 15.18 -5.64
N ALA A 370 24.15 16.43 -5.99
CA ALA A 370 23.37 17.17 -7.02
C ALA A 370 23.61 16.36 -8.26
N PRO A 371 22.61 16.26 -9.09
CA PRO A 371 21.37 17.11 -9.03
C PRO A 371 20.23 16.72 -8.09
N GLU A 372 20.37 15.62 -7.36
CA GLU A 372 19.26 15.12 -6.54
C GLU A 372 19.10 15.98 -5.32
N VAL A 373 17.86 16.12 -4.83
CA VAL A 373 17.62 16.67 -3.50
C VAL A 373 16.82 15.66 -2.65
N SER A 374 16.77 15.88 -1.35
CA SER A 374 16.05 15.03 -0.39
C SER A 374 15.46 15.97 0.65
N PRO A 375 14.14 15.92 0.93
CA PRO A 375 13.19 15.03 0.24
C PRO A 375 13.03 15.38 -1.27
N LYS A 376 12.64 14.37 -2.05
CA LYS A 376 12.29 14.60 -3.44
C LYS A 376 10.90 15.19 -3.56
N LEU A 377 10.71 15.93 -4.62
CA LEU A 377 9.36 16.35 -5.01
C LEU A 377 8.39 15.13 -5.11
N GLY A 378 8.83 14.08 -5.76
CA GLY A 378 8.00 12.86 -5.85
C GLY A 378 8.36 11.91 -6.98
N TRP A 379 7.62 10.81 -7.01
CA TRP A 379 7.68 9.78 -8.02
C TRP A 379 6.31 9.10 -7.96
N MET A 380 5.90 8.47 -9.06
CA MET A 380 4.62 7.78 -9.21
C MET A 380 3.55 8.81 -8.86
N ASN A 381 3.77 10.02 -9.35
CA ASN A 381 2.86 11.15 -9.11
C ASN A 381 1.67 11.20 -10.16
N GLU A 382 0.87 10.12 -10.16
CA GLU A 382 -0.25 10.02 -11.09
C GLU A 382 -1.39 10.94 -10.73
N SER A 383 -1.64 11.06 -9.42
CA SER A 383 -2.73 11.88 -8.94
C SER A 383 -2.19 13.28 -8.52
N VAL A 384 -2.59 14.30 -9.24
CA VAL A 384 -2.26 15.66 -8.95
C VAL A 384 -3.58 16.38 -9.06
N GLU A 385 -4.02 17.03 -7.98
CA GLU A 385 -5.33 17.63 -7.99
C GLU A 385 -5.36 18.98 -7.36
N ILE A 386 -5.89 19.94 -8.08
CA ILE A 386 -6.17 21.29 -7.55
C ILE A 386 -7.57 21.28 -6.94
N ASP A 387 -7.69 21.90 -5.78
CA ASP A 387 -8.91 21.97 -5.06
C ASP A 387 -9.89 22.80 -5.90
N PRO A 388 -11.05 22.19 -6.23
CA PRO A 388 -12.00 22.95 -7.03
C PRO A 388 -12.70 24.05 -6.28
N HIS A 389 -12.49 24.14 -4.97
CA HIS A 389 -12.98 25.23 -4.13
C HIS A 389 -11.90 26.21 -3.72
N ASN A 390 -10.64 26.02 -4.13
CA ASN A 390 -9.57 26.90 -3.70
C ASN A 390 -8.36 26.70 -4.60
N SER A 391 -8.18 27.67 -5.46
CA SER A 391 -7.14 27.68 -6.44
C SER A 391 -5.77 27.60 -5.79
N ASN A 392 -5.65 27.98 -4.52
CA ASN A 392 -4.40 27.89 -3.82
C ASN A 392 -4.05 26.51 -3.21
N ARG A 393 -4.97 25.56 -3.24
CA ARG A 393 -4.70 24.25 -2.68
C ARG A 393 -4.53 23.20 -3.78
N LEU A 394 -3.43 22.47 -3.68
CA LEU A 394 -3.23 21.32 -4.53
C LEU A 394 -2.68 20.21 -3.69
N MET A 395 -3.01 18.97 -4.07
CA MET A 395 -2.57 17.76 -3.37
C MET A 395 -2.13 16.78 -4.41
N TYR A 396 -1.01 16.10 -4.15
CA TYR A 396 -0.62 14.98 -4.98
C TYR A 396 -0.11 13.74 -4.28
N GLY A 397 -0.33 12.60 -4.90
CA GLY A 397 0.15 11.32 -4.37
C GLY A 397 1.52 10.96 -4.94
N THR A 398 2.34 10.33 -4.14
CA THR A 398 3.60 9.75 -4.60
C THR A 398 3.60 8.28 -4.17
N GLY A 399 4.72 7.62 -4.45
CA GLY A 399 4.95 6.29 -3.95
C GLY A 399 5.15 6.17 -2.48
N ALA A 400 5.24 7.29 -1.75
CA ALA A 400 5.39 7.29 -0.29
C ALA A 400 4.46 8.12 0.58
N THR A 401 3.78 9.09 0.00
CA THR A 401 3.14 10.13 0.79
C THR A 401 2.06 10.86 -0.04
N ILE A 402 1.40 11.83 0.58
CA ILE A 402 0.67 12.85 -0.15
C ILE A 402 1.30 14.16 0.23
N TYR A 403 1.62 14.99 -0.76
CA TYR A 403 2.11 16.34 -0.48
C TYR A 403 1.02 17.34 -0.85
N ALA A 404 0.99 18.48 -0.14
CA ALA A 404 -0.11 19.45 -0.31
C ALA A 404 0.52 20.85 -0.22
N THR A 405 -0.02 21.81 -0.97
CA THR A 405 0.30 23.22 -0.80
C THR A 405 -1.01 23.97 -0.56
N GLU A 406 -0.93 25.05 0.21
CA GLU A 406 -1.98 26.01 0.39
C GLU A 406 -1.64 27.39 -0.17
N ASN A 407 -0.53 27.55 -0.90
CA ASN A 407 -0.29 28.80 -1.59
C ASN A 407 0.08 28.62 -3.07
N LEU A 408 -0.67 27.75 -3.76
CA LEU A 408 -0.33 27.39 -5.12
C LEU A 408 -0.23 28.62 -6.05
N THR A 409 -1.05 29.63 -5.81
CA THR A 409 -1.04 30.77 -6.75
C THR A 409 0.14 31.66 -6.56
N SER A 410 0.98 31.45 -5.55
CA SER A 410 2.27 32.16 -5.48
C SER A 410 3.11 31.92 -6.72
N TRP A 411 2.98 30.71 -7.28
CA TRP A 411 3.61 30.34 -8.54
C TRP A 411 3.35 31.43 -9.60
N ASP A 412 2.12 31.91 -9.64
CA ASP A 412 1.76 32.82 -10.73
C ASP A 412 2.31 34.22 -10.54
N SER A 413 2.57 34.64 -9.31
CA SER A 413 3.21 35.93 -9.07
C SER A 413 4.76 35.89 -9.04
N GLY A 414 5.34 34.72 -9.29
CA GLY A 414 6.78 34.57 -9.36
C GLY A 414 7.44 34.11 -8.05
N GLY A 415 6.59 33.65 -7.12
CA GLY A 415 7.00 33.16 -5.82
C GLY A 415 7.25 31.66 -5.86
N GLN A 416 7.44 31.09 -4.67
CA GLN A 416 7.66 29.68 -4.54
C GLN A 416 6.50 29.07 -3.76
N ILE A 417 6.05 27.91 -4.14
CA ILE A 417 4.97 27.30 -3.36
C ILE A 417 5.58 26.58 -2.16
N LEU A 418 4.83 26.44 -1.05
CA LEU A 418 5.24 25.60 0.03
C LEU A 418 4.52 24.26 0.00
N LEU A 419 5.25 23.18 0.00
CA LEU A 419 4.69 21.85 0.04
C LEU A 419 5.02 21.13 1.33
N LYS A 420 4.03 20.44 1.89
CA LYS A 420 4.19 19.66 3.09
C LYS A 420 3.45 18.33 2.98
N PRO A 421 3.88 17.33 3.75
CA PRO A 421 3.04 16.11 3.74
C PRO A 421 1.66 16.38 4.42
N MET A 422 0.69 15.57 4.04
CA MET A 422 -0.69 15.69 4.52
C MET A 422 -1.22 14.25 4.56
N VAL A 423 -0.68 13.48 5.50
CA VAL A 423 -0.96 12.07 5.61
C VAL A 423 -1.24 11.63 7.01
N LYS A 424 -1.52 12.56 7.90
CA LYS A 424 -1.92 12.13 9.23
C LYS A 424 -3.15 11.23 9.12
N GLY A 425 -3.03 10.05 9.70
CA GLY A 425 -4.04 9.07 9.79
C GLY A 425 -4.09 8.16 8.56
N LEU A 426 -3.34 8.47 7.51
CA LEU A 426 -3.37 7.66 6.31
C LEU A 426 -2.19 6.69 6.45
N GLU A 427 -2.47 5.47 6.91
CA GLU A 427 -1.46 4.56 7.32
C GLU A 427 -1.48 3.40 6.40
N GLU A 428 -0.45 3.27 5.58
CA GLU A 428 -0.56 2.40 4.42
C GLU A 428 0.54 1.39 4.29
N THR A 429 1.38 1.23 5.29
CA THR A 429 2.54 0.34 5.14
C THR A 429 2.09 -1.11 5.31
N ALA A 430 2.95 -1.96 4.79
CA ALA A 430 2.88 -3.37 5.01
C ALA A 430 3.92 -3.76 6.07
N VAL A 431 3.46 -4.41 7.12
CA VAL A 431 4.26 -4.74 8.27
C VAL A 431 4.74 -6.18 8.08
N LEU A 432 6.06 -6.35 8.08
CA LEU A 432 6.69 -7.60 7.78
C LEU A 432 7.17 -8.30 9.03
N ASP A 433 7.55 -7.55 10.06
CA ASP A 433 7.89 -8.14 11.37
C ASP A 433 7.78 -7.03 12.43
N VAL A 434 7.72 -7.43 13.68
CA VAL A 434 7.55 -6.47 14.76
C VAL A 434 8.02 -7.15 16.05
N VAL A 435 8.75 -6.40 16.84
CA VAL A 435 9.15 -6.84 18.20
C VAL A 435 8.85 -5.81 19.30
N SER A 436 8.48 -6.30 20.48
CA SER A 436 8.34 -5.48 21.71
C SER A 436 9.31 -5.97 22.80
N PRO A 437 10.43 -5.29 22.97
CA PRO A 437 11.33 -5.81 23.98
C PRO A 437 10.87 -5.41 25.37
N PRO A 438 11.38 -6.09 26.40
CA PRO A 438 10.96 -5.79 27.78
C PRO A 438 11.54 -4.57 28.44
N VAL A 439 12.39 -3.84 27.75
CA VAL A 439 12.96 -2.63 28.27
C VAL A 439 13.17 -1.76 27.05
N GLY A 440 13.28 -0.47 27.29
CA GLY A 440 13.52 0.50 26.21
C GLY A 440 12.27 0.87 25.46
N ALA A 441 12.38 1.14 24.15
CA ALA A 441 11.22 1.54 23.36
C ALA A 441 10.09 0.48 23.32
N PRO A 442 8.83 0.92 23.20
CA PRO A 442 7.73 -0.06 23.27
C PRO A 442 7.69 -1.05 22.10
N VAL A 443 8.11 -0.62 20.89
CA VAL A 443 8.01 -1.47 19.72
C VAL A 443 8.98 -1.02 18.63
N TYR A 444 9.48 -2.01 17.90
CA TYR A 444 10.25 -1.78 16.69
C TYR A 444 9.51 -2.41 15.52
N SER A 445 9.39 -1.66 14.42
CA SER A 445 8.66 -2.15 13.22
C SER A 445 9.67 -2.55 12.15
N ALA A 446 9.32 -3.58 11.39
CA ALA A 446 10.04 -3.98 10.21
C ALA A 446 9.03 -3.91 9.09
N LEU A 447 9.25 -2.93 8.21
CA LEU A 447 8.26 -2.52 7.18
C LEU A 447 8.70 -2.72 5.73
N GLY A 448 7.73 -2.93 4.83
CA GLY A 448 8.02 -2.82 3.43
C GLY A 448 8.29 -1.37 3.07
N ASP A 449 9.24 -1.17 2.15
CA ASP A 449 9.44 0.05 1.37
C ASP A 449 10.09 1.21 2.09
N ILE A 450 9.77 1.43 3.35
CA ILE A 450 10.37 2.48 4.17
C ILE A 450 11.14 1.98 5.37
N GLY A 451 11.58 0.72 5.31
CA GLY A 451 12.52 0.19 6.28
C GLY A 451 11.91 -0.27 7.63
N GLY A 452 11.37 0.67 8.37
CA GLY A 452 10.91 0.42 9.73
C GLY A 452 11.70 1.29 10.71
N PHE A 453 11.20 1.26 11.93
CA PHE A 453 11.54 2.24 12.90
C PHE A 453 11.56 1.61 14.29
N ARG A 454 12.40 2.20 15.12
CA ARG A 454 12.26 2.19 16.57
C ARG A 454 11.20 3.21 16.88
N HIS A 455 10.15 2.79 17.61
CA HIS A 455 9.10 3.71 17.97
C HIS A 455 9.22 4.12 19.42
N ASP A 456 9.82 5.26 19.64
CA ASP A 456 9.96 5.72 21.00
C ASP A 456 8.65 6.14 21.62
N ASP A 457 7.79 6.73 20.85
CA ASP A 457 6.47 7.16 21.31
C ASP A 457 5.52 6.79 20.21
N LEU A 458 4.48 6.00 20.56
CA LEU A 458 3.54 5.47 19.55
C LEU A 458 2.65 6.56 18.88
N THR A 459 2.62 7.75 19.46
CA THR A 459 1.85 8.85 18.92
C THR A 459 2.73 9.81 18.17
N LYS A 460 4.03 9.59 18.07
CA LYS A 460 4.92 10.49 17.40
C LYS A 460 5.61 9.79 16.21
N VAL A 461 5.61 10.47 15.08
CA VAL A 461 6.30 9.95 13.89
C VAL A 461 7.79 9.83 14.19
N PRO A 462 8.40 8.67 13.87
CA PRO A 462 9.81 8.59 14.16
C PRO A 462 10.66 9.51 13.26
N THR A 463 11.81 9.92 13.75
CA THR A 463 12.72 10.79 12.98
C THR A 463 13.31 10.16 11.71
N SER A 464 13.67 8.91 11.79
CA SER A 464 14.30 8.24 10.65
C SER A 464 14.05 6.75 10.71
N MET A 465 13.90 6.15 9.55
CA MET A 465 14.02 4.70 9.47
C MET A 465 15.45 4.26 9.81
N TYR A 466 15.62 2.94 9.98
CA TYR A 466 16.89 2.38 10.30
C TYR A 466 17.97 2.79 9.28
N THR A 467 19.21 3.03 9.75
CA THR A 467 20.30 3.30 8.84
C THR A 467 21.52 2.46 9.20
N THR A 468 22.49 2.47 8.26
CA THR A 468 23.78 1.82 8.38
C THR A 468 23.63 0.40 8.94
N PRO A 469 22.90 -0.45 8.23
CA PRO A 469 22.35 -0.24 6.87
C PRO A 469 20.91 0.25 6.83
N ASN A 470 20.57 0.87 5.72
CA ASN A 470 19.20 1.40 5.50
C ASN A 470 18.53 0.46 4.52
N PHE A 471 17.72 -0.47 5.01
CA PHE A 471 17.03 -1.35 4.09
C PHE A 471 15.81 -0.64 3.43
N SER A 472 15.54 -0.97 2.17
CA SER A 472 14.33 -0.54 1.51
CA SER A 472 14.31 -0.56 1.50
C SER A 472 13.15 -1.23 2.25
N SER A 473 13.29 -2.51 2.53
CA SER A 473 12.34 -3.26 3.35
C SER A 473 13.08 -4.08 4.37
N THR A 474 12.65 -3.99 5.62
CA THR A 474 13.12 -4.90 6.66
C THR A 474 12.20 -6.13 6.78
N THR A 475 12.72 -7.30 6.54
CA THR A 475 11.90 -8.51 6.49
C THR A 475 11.84 -9.28 7.77
N SER A 476 12.80 -9.05 8.67
CA SER A 476 12.83 -9.77 9.94
C SER A 476 13.73 -9.00 10.91
N ILE A 477 13.37 -9.04 12.18
CA ILE A 477 14.09 -8.31 13.22
C ILE A 477 13.99 -9.18 14.49
N ASP A 478 15.03 -9.20 15.28
CA ASP A 478 15.03 -9.98 16.54
C ASP A 478 15.90 -9.30 17.55
N PHE A 479 15.66 -9.59 18.84
CA PHE A 479 16.45 -9.08 19.90
C PHE A 479 16.81 -10.23 20.84
N ALA A 480 17.95 -10.09 21.53
CA ALA A 480 18.44 -11.11 22.44
C ALA A 480 17.62 -11.02 23.69
N GLU A 481 16.83 -12.05 23.99
CA GLU A 481 15.87 -11.94 25.11
C GLU A 481 16.56 -11.46 26.43
N LEU A 482 17.71 -12.02 26.73
CA LEU A 482 18.35 -11.72 28.00
C LEU A 482 19.25 -10.52 27.88
N GLN A 483 19.37 -9.91 26.71
CA GLN A 483 20.19 -8.64 26.60
C GLN A 483 19.57 -7.84 25.46
N PRO A 484 18.38 -7.24 25.70
CA PRO A 484 17.56 -6.78 24.59
C PRO A 484 18.12 -5.65 23.77
N ALA A 485 19.13 -4.95 24.30
CA ALA A 485 19.79 -3.93 23.53
C ALA A 485 20.58 -4.53 22.36
N THR A 486 20.80 -5.86 22.40
CA THR A 486 21.42 -6.59 21.28
C THR A 486 20.35 -7.03 20.32
N MET A 487 20.43 -6.53 19.08
CA MET A 487 19.41 -6.77 18.08
C MET A 487 20.01 -7.07 16.73
N VAL A 488 19.24 -7.73 15.87
CA VAL A 488 19.61 -7.95 14.50
C VAL A 488 18.39 -7.75 13.60
N ARG A 489 18.64 -7.30 12.38
CA ARG A 489 17.58 -7.17 11.39
C ARG A 489 18.13 -7.54 10.01
N VAL A 490 17.31 -8.21 9.19
CA VAL A 490 17.65 -8.48 7.82
C VAL A 490 16.61 -7.88 6.90
N GLY A 491 17.04 -7.65 5.67
CA GLY A 491 16.23 -7.00 4.71
C GLY A 491 16.87 -6.80 3.36
N ASN A 492 16.23 -5.94 2.57
CA ASN A 492 16.54 -5.81 1.19
C ASN A 492 17.16 -4.43 1.01
N LEU A 493 18.13 -4.36 0.14
CA LEU A 493 18.63 -3.06 -0.26
C LEU A 493 19.30 -3.22 -1.58
N ASP A 494 19.37 -2.10 -2.30
CA ASP A 494 19.72 -1.96 -3.74
C ASP A 494 19.80 -3.29 -4.49
N SER A 495 20.97 -3.89 -4.64
CA SER A 495 21.00 -5.20 -5.30
C SER A 495 20.08 -6.30 -4.68
N GLY A 496 20.41 -6.71 -3.44
CA GLY A 496 19.88 -7.91 -2.87
C GLY A 496 19.51 -7.74 -1.41
N GLY A 497 20.29 -8.33 -0.52
CA GLY A 497 19.91 -8.40 0.92
C GLY A 497 21.06 -8.01 1.80
N GLY A 498 20.79 -7.86 3.08
CA GLY A 498 21.82 -7.54 4.04
C GLY A 498 21.36 -7.72 5.48
N ILE A 499 22.31 -7.54 6.39
CA ILE A 499 22.09 -7.71 7.85
C ILE A 499 22.62 -6.52 8.57
N GLY A 500 21.86 -6.04 9.52
CA GLY A 500 22.30 -4.98 10.43
C GLY A 500 22.31 -5.53 11.83
N VAL A 501 23.33 -5.14 12.60
CA VAL A 501 23.42 -5.53 14.01
C VAL A 501 23.61 -4.32 14.93
N THR A 502 23.19 -4.47 16.17
CA THR A 502 23.37 -3.41 17.21
C THR A 502 23.53 -3.98 18.60
N THR A 503 24.31 -3.30 19.46
CA THR A 503 24.37 -3.65 20.89
C THR A 503 23.93 -2.50 21.76
N ASN A 504 23.38 -1.42 21.17
CA ASN A 504 22.78 -0.39 21.98
C ASN A 504 21.36 -0.05 21.59
N ALA A 505 20.58 -1.10 21.34
CA ALA A 505 19.17 -0.99 20.93
C ALA A 505 18.90 -0.13 19.74
N GLY A 506 19.88 -0.05 18.83
CA GLY A 506 19.67 0.72 17.59
C GLY A 506 20.10 2.16 17.68
N GLY A 507 20.72 2.60 18.79
CA GLY A 507 21.29 3.95 18.84
C GLY A 507 22.32 4.03 17.73
N SER A 508 23.04 2.94 17.56
CA SER A 508 23.91 2.71 16.47
C SER A 508 23.80 1.28 15.86
N TRP A 509 23.67 1.15 14.51
CA TRP A 509 23.72 -0.14 13.86
C TRP A 509 24.96 -0.23 13.06
N TRP A 510 25.43 -1.41 12.75
CA TRP A 510 26.33 -1.56 11.58
C TRP A 510 25.95 -2.72 10.71
N GLN A 511 26.47 -2.70 9.48
CA GLN A 511 26.14 -3.75 8.51
C GLN A 511 27.07 -4.93 8.57
N GLY A 512 26.53 -6.13 8.64
CA GLY A 512 27.39 -7.33 8.67
C GLY A 512 27.77 -7.78 7.26
N GLN A 513 28.56 -8.83 7.16
CA GLN A 513 28.91 -9.46 5.87
C GLN A 513 27.77 -10.43 5.51
N ASN A 514 27.69 -10.82 4.24
CA ASN A 514 26.63 -11.73 3.76
C ASN A 514 27.19 -13.10 3.45
N PRO A 515 26.47 -14.17 3.75
CA PRO A 515 26.84 -15.48 3.24
C PRO A 515 26.52 -15.54 1.74
N PRO A 516 26.92 -16.64 1.08
CA PRO A 516 26.70 -16.70 -0.36
C PRO A 516 25.23 -16.66 -0.76
N GLY A 517 24.99 -16.00 -1.92
CA GLY A 517 23.79 -16.17 -2.72
C GLY A 517 22.60 -15.34 -2.23
N VAL A 518 22.90 -14.37 -1.37
CA VAL A 518 21.81 -13.55 -0.79
C VAL A 518 21.17 -12.68 -1.88
N THR A 519 19.86 -12.77 -2.05
CA THR A 519 19.10 -11.86 -2.93
C THR A 519 18.05 -11.03 -2.21
N SER A 520 17.70 -11.43 -0.98
CA SER A 520 16.77 -10.65 -0.18
C SER A 520 16.91 -11.01 1.29
N GLY A 521 16.16 -10.32 2.17
CA GLY A 521 16.40 -10.44 3.58
C GLY A 521 16.12 -11.81 4.20
N GLY A 522 15.04 -12.44 3.77
CA GLY A 522 14.62 -13.72 4.42
C GLY A 522 14.22 -13.49 5.88
N ASN A 523 14.56 -14.40 6.79
CA ASN A 523 14.33 -14.22 8.18
C ASN A 523 15.54 -14.61 9.06
N VAL A 524 15.55 -14.09 10.30
CA VAL A 524 16.72 -14.16 11.16
C VAL A 524 16.30 -14.44 12.57
N ALA A 525 17.17 -15.10 13.35
CA ALA A 525 16.94 -15.38 14.79
C ALA A 525 18.23 -15.07 15.52
N LEU A 526 18.10 -14.53 16.72
CA LEU A 526 19.24 -14.15 17.56
C LEU A 526 19.14 -14.98 18.85
N ALA A 527 20.22 -15.64 19.23
CA ALA A 527 20.26 -16.41 20.46
C ALA A 527 19.95 -15.51 21.64
N ALA A 528 19.44 -16.12 22.72
CA ALA A 528 18.99 -15.35 23.89
C ALA A 528 20.02 -14.46 24.62
N ASP A 529 21.31 -14.83 24.51
CA ASP A 529 22.45 -14.09 25.05
C ASP A 529 23.17 -13.26 24.00
N GLY A 530 22.63 -13.23 22.79
CA GLY A 530 23.22 -12.51 21.71
C GLY A 530 24.41 -13.15 21.03
N GLY A 531 24.74 -14.42 21.37
CA GLY A 531 26.03 -14.96 20.96
C GLY A 531 26.04 -15.81 19.69
N ALA A 532 24.90 -15.95 19.03
CA ALA A 532 24.82 -16.58 17.72
C ALA A 532 23.66 -15.97 16.91
N ILE A 533 23.85 -15.88 15.61
CA ILE A 533 22.82 -15.45 14.71
C ILE A 533 22.58 -16.58 13.71
N VAL A 534 21.33 -16.96 13.50
CA VAL A 534 21.00 -17.88 12.42
C VAL A 534 20.11 -17.15 11.43
N TRP A 535 20.58 -17.12 10.18
CA TRP A 535 19.98 -16.36 9.12
C TRP A 535 19.64 -17.26 7.95
N ALA A 536 18.37 -17.23 7.57
CA ALA A 536 17.86 -17.86 6.35
C ALA A 536 17.57 -16.81 5.31
N PRO A 537 18.59 -16.46 4.52
CA PRO A 537 18.34 -15.33 3.59
C PRO A 537 17.53 -15.73 2.40
N GLY A 538 16.95 -14.74 1.73
CA GLY A 538 16.33 -14.98 0.46
C GLY A 538 17.39 -15.30 -0.58
N GLY A 539 17.05 -16.18 -1.52
CA GLY A 539 17.98 -16.53 -2.57
C GLY A 539 18.99 -17.59 -2.20
N SER A 540 19.57 -17.55 -1.02
CA SER A 540 20.68 -18.47 -0.70
C SER A 540 20.19 -19.92 -0.70
N THR A 541 21.14 -20.83 -0.95
CA THR A 541 20.82 -22.28 -0.99
C THR A 541 20.83 -22.93 0.39
N ASN A 542 21.24 -22.23 1.44
CA ASN A 542 21.29 -22.76 2.79
C ASN A 542 20.78 -21.70 3.76
N VAL A 543 20.68 -22.11 5.00
CA VAL A 543 20.61 -21.27 6.23
C VAL A 543 22.01 -21.27 6.84
N TYR A 544 22.37 -20.17 7.50
CA TYR A 544 23.74 -19.96 7.99
C TYR A 544 23.79 -19.53 9.43
N LEU A 545 24.88 -19.93 10.10
CA LEU A 545 25.20 -19.56 11.46
C LEU A 545 26.35 -18.59 11.43
N SER A 546 26.24 -17.50 12.22
CA SER A 546 27.39 -16.66 12.57
C SER A 546 27.67 -16.79 14.03
N THR A 547 28.92 -17.06 14.33
CA THR A 547 29.41 -17.01 15.71
C THR A 547 30.19 -15.73 15.97
N THR A 548 30.33 -14.87 14.98
CA THR A 548 31.09 -13.68 15.13
C THR A 548 30.25 -12.38 14.95
N PHE A 549 28.96 -12.43 15.38
CA PHE A 549 28.04 -11.30 15.37
C PHE A 549 27.96 -10.64 14.03
N GLY A 550 27.84 -11.50 13.04
CA GLY A 550 27.66 -11.12 11.66
C GLY A 550 28.82 -11.04 10.70
N SER A 551 30.04 -11.27 11.17
CA SER A 551 31.24 -11.01 10.33
C SER A 551 31.53 -12.22 9.44
N THR A 552 31.23 -13.43 9.90
CA THR A 552 31.44 -14.62 9.11
C THR A 552 30.27 -15.59 9.29
N TRP A 553 30.07 -16.46 8.29
CA TRP A 553 28.93 -17.39 8.26
C TRP A 553 29.38 -18.80 7.91
N THR A 554 28.67 -19.80 8.44
CA THR A 554 28.82 -21.18 7.96
C THR A 554 27.47 -21.79 7.63
N ALA A 555 27.41 -22.54 6.54
CA ALA A 555 26.19 -23.22 6.15
C ALA A 555 25.74 -24.20 7.22
N ILE A 556 24.43 -24.28 7.44
CA ILE A 556 23.90 -25.29 8.36
C ILE A 556 23.43 -26.43 7.45
N SER A 557 23.92 -27.65 7.62
CA SER A 557 23.70 -28.64 6.56
C SER A 557 22.29 -29.23 6.54
N ALA A 558 21.61 -29.45 7.66
CA ALA A 558 20.31 -30.14 7.58
C ALA A 558 19.09 -29.22 7.15
N LEU A 559 19.24 -27.90 7.15
CA LEU A 559 18.07 -27.05 6.97
C LEU A 559 17.80 -26.68 5.54
N PRO A 560 16.53 -26.77 5.12
CA PRO A 560 16.16 -26.28 3.81
C PRO A 560 16.25 -24.79 3.75
N ALA A 561 16.56 -24.26 2.57
CA ALA A 561 16.69 -22.82 2.38
C ALA A 561 15.36 -22.18 2.63
N GLY A 562 15.36 -21.00 3.18
CA GLY A 562 14.12 -20.35 3.55
C GLY A 562 13.35 -20.88 4.73
N ALA A 563 13.93 -21.77 5.54
CA ALA A 563 13.23 -22.25 6.75
C ALA A 563 12.96 -21.07 7.70
N VAL A 564 11.86 -21.18 8.45
CA VAL A 564 11.56 -20.17 9.43
C VAL A 564 12.33 -20.46 10.70
N ILE A 565 13.12 -19.50 11.14
CA ILE A 565 14.01 -19.73 12.25
C ILE A 565 13.58 -18.94 13.47
N GLU A 566 13.66 -19.56 14.63
CA GLU A 566 13.38 -18.84 15.88
C GLU A 566 14.36 -19.32 16.97
N ALA A 567 14.72 -18.39 17.85
CA ALA A 567 15.58 -18.76 19.01
C ALA A 567 14.72 -19.07 20.23
N ASP A 568 15.18 -20.01 21.08
CA ASP A 568 14.62 -20.10 22.42
C ASP A 568 14.89 -18.77 23.15
N ARG A 569 13.90 -18.36 23.96
CA ARG A 569 14.01 -17.12 24.66
C ARG A 569 14.72 -17.22 25.96
N VAL A 570 15.09 -18.44 26.40
CA VAL A 570 15.77 -18.62 27.67
C VAL A 570 17.17 -19.20 27.48
N ASN A 571 17.23 -20.29 26.74
CA ASN A 571 18.45 -21.06 26.56
C ASN A 571 19.16 -20.64 25.30
N PRO A 572 20.33 -19.99 25.45
CA PRO A 572 21.04 -19.60 24.20
C PRO A 572 21.41 -20.75 23.30
N ASN A 573 21.52 -21.97 23.85
CA ASN A 573 21.87 -23.13 22.99
C ASN A 573 20.79 -23.64 22.07
N LYS A 574 19.55 -23.17 22.27
CA LYS A 574 18.44 -23.73 21.52
C LYS A 574 17.92 -22.76 20.43
N PHE A 575 17.93 -23.27 19.20
CA PHE A 575 17.26 -22.70 18.05
C PHE A 575 16.31 -23.71 17.47
N TYR A 576 15.34 -23.20 16.71
CA TYR A 576 14.30 -24.03 16.13
C TYR A 576 14.03 -23.56 14.71
N ALA A 577 13.55 -24.47 13.88
CA ALA A 577 13.18 -24.13 12.51
C ALA A 577 11.95 -24.90 12.07
N LEU A 578 11.17 -24.24 11.24
CA LEU A 578 9.97 -24.83 10.64
C LEU A 578 10.04 -24.72 9.16
N ALA A 579 9.82 -25.83 8.46
CA ALA A 579 9.77 -25.79 6.99
C ALA A 579 8.88 -26.91 6.46
N ASN A 580 7.75 -26.55 5.83
CA ASN A 580 6.97 -27.49 5.05
C ASN A 580 6.57 -28.76 5.81
N GLY A 581 6.18 -28.62 7.06
CA GLY A 581 5.67 -29.75 7.80
C GLY A 581 6.68 -30.50 8.65
N THR A 582 7.95 -30.06 8.59
CA THR A 582 9.03 -30.51 9.46
C THR A 582 9.50 -29.42 10.42
N PHE A 583 9.54 -29.77 11.70
CA PHE A 583 10.11 -28.99 12.75
C PHE A 583 11.48 -29.54 13.07
N TYR A 584 12.43 -28.61 13.29
CA TYR A 584 13.86 -28.93 13.48
C TYR A 584 14.35 -28.20 14.70
N VAL A 585 15.28 -28.83 15.43
CA VAL A 585 15.79 -28.31 16.68
C VAL A 585 17.30 -28.39 16.70
N SER A 586 17.92 -27.32 17.17
CA SER A 586 19.35 -27.29 17.45
C SER A 586 19.48 -27.21 18.96
N THR A 587 20.29 -28.07 19.55
CA THR A 587 20.78 -27.86 20.92
C THR A 587 22.24 -27.44 21.07
N ASN A 588 22.88 -27.06 19.99
CA ASN A 588 24.29 -26.66 20.03
C ASN A 588 24.48 -25.28 19.40
N LYS A 589 23.52 -24.40 19.66
CA LYS A 589 23.61 -22.95 19.40
C LYS A 589 23.72 -22.70 17.92
N GLY A 590 22.98 -23.49 17.18
CA GLY A 590 22.82 -23.34 15.75
C GLY A 590 23.80 -24.00 14.84
N ALA A 591 24.78 -24.74 15.37
CA ALA A 591 25.77 -25.40 14.54
C ALA A 591 25.16 -26.57 13.73
N SER A 592 24.25 -27.29 14.35
CA SER A 592 23.48 -28.34 13.65
C SER A 592 22.05 -28.46 14.17
N PHE A 593 21.19 -28.87 13.27
CA PHE A 593 19.79 -29.10 13.56
C PHE A 593 19.43 -30.51 13.09
N SER A 594 18.46 -31.10 13.78
CA SER A 594 17.85 -32.38 13.40
C SER A 594 16.34 -32.22 13.40
N ALA A 595 15.69 -32.95 12.47
CA ALA A 595 14.24 -33.02 12.33
C ALA A 595 13.68 -33.72 13.53
N THR A 596 12.78 -33.07 14.29
CA THR A 596 12.10 -33.70 15.42
C THR A 596 10.66 -34.05 15.15
N VAL A 597 9.97 -33.31 14.31
CA VAL A 597 8.57 -33.58 14.04
C VAL A 597 8.47 -33.61 12.51
N THR A 598 7.94 -34.71 11.99
CA THR A 598 7.76 -34.80 10.52
C THR A 598 6.35 -35.05 10.07
N ALA A 599 5.39 -35.11 10.98
CA ALA A 599 4.02 -35.41 10.63
C ALA A 599 3.17 -34.77 11.69
N GLY A 600 1.90 -34.61 11.38
CA GLY A 600 0.94 -34.14 12.37
C GLY A 600 0.82 -32.62 12.41
N ILE A 601 1.64 -31.90 11.62
CA ILE A 601 1.61 -30.41 11.60
C ILE A 601 1.47 -29.98 10.16
N PRO A 602 0.67 -28.95 9.88
CA PRO A 602 0.35 -28.65 8.52
C PRO A 602 1.53 -28.21 7.74
N ALA A 603 1.63 -28.70 6.52
CA ALA A 603 2.72 -28.31 5.61
C ALA A 603 2.69 -26.82 5.32
N ALA A 604 1.52 -26.19 5.32
CA ALA A 604 1.46 -24.72 5.08
C ALA A 604 1.97 -23.85 6.23
N ALA A 605 2.01 -24.39 7.44
CA ALA A 605 2.32 -23.61 8.63
C ALA A 605 3.70 -22.99 8.55
N ARG A 606 3.75 -21.72 8.89
CA ARG A 606 4.99 -21.01 8.73
C ARG A 606 5.17 -19.87 9.74
N LYS A 607 4.50 -19.99 10.87
CA LYS A 607 4.64 -19.07 11.97
C LYS A 607 4.70 -19.88 13.25
N PHE A 608 5.72 -19.59 14.08
CA PHE A 608 5.76 -20.15 15.42
C PHE A 608 6.67 -19.26 16.25
N LYS A 609 6.59 -19.38 17.57
CA LYS A 609 7.31 -18.47 18.46
C LYS A 609 7.58 -19.13 19.78
N ALA A 610 8.79 -18.93 20.35
CA ALA A 610 9.11 -19.41 21.69
C ALA A 610 8.72 -18.35 22.68
N VAL A 611 8.40 -18.81 23.88
CA VAL A 611 7.84 -17.93 24.90
C VAL A 611 8.93 -17.38 25.81
N TYR A 612 8.93 -16.06 25.98
CA TYR A 612 9.88 -15.45 26.88
C TYR A 612 9.71 -15.98 28.29
N GLY A 613 10.81 -16.11 28.99
CA GLY A 613 10.78 -16.76 30.29
C GLY A 613 10.46 -18.26 30.38
N ARG A 614 10.15 -18.98 29.29
CA ARG A 614 9.73 -20.43 29.30
C ARG A 614 10.57 -21.23 28.38
N GLU A 615 11.68 -21.76 28.89
CA GLU A 615 12.59 -22.52 28.03
C GLU A 615 11.87 -23.70 27.37
N GLY A 616 12.01 -23.82 26.07
CA GLY A 616 11.42 -24.94 25.34
C GLY A 616 9.90 -24.96 25.18
N ASP A 617 9.24 -23.83 25.45
CA ASP A 617 7.80 -23.66 25.26
C ASP A 617 7.63 -22.93 23.93
N ILE A 618 6.97 -23.59 23.00
CA ILE A 618 6.88 -23.10 21.61
C ILE A 618 5.43 -23.23 21.13
N TRP A 619 4.89 -22.18 20.52
CA TRP A 619 3.53 -22.26 19.95
C TRP A 619 3.65 -22.07 18.45
N LEU A 620 2.87 -22.82 17.67
CA LEU A 620 3.01 -22.89 16.23
C LEU A 620 1.62 -22.78 15.65
N ALA A 621 1.47 -21.98 14.60
CA ALA A 621 0.18 -21.68 14.03
C ALA A 621 0.20 -21.74 12.50
N GLY A 622 -0.80 -22.41 11.92
CA GLY A 622 -0.97 -22.37 10.50
C GLY A 622 -1.72 -23.54 9.97
N GLY A 623 -1.74 -23.61 8.65
CA GLY A 623 -2.50 -24.61 7.91
C GLY A 623 -3.28 -24.00 6.77
N SER A 624 -4.24 -24.74 6.24
CA SER A 624 -5.15 -24.22 5.24
C SER A 624 -6.45 -24.99 5.36
N SER A 625 -7.43 -24.40 4.71
CA SER A 625 -8.81 -24.87 4.87
C SER A 625 -9.01 -26.17 4.08
N THR A 626 -8.15 -26.42 3.10
CA THR A 626 -8.20 -27.68 2.39
C THR A 626 -7.20 -28.73 2.89
N THR A 627 -6.55 -28.52 4.05
CA THR A 627 -5.62 -29.52 4.61
C THR A 627 -5.98 -29.70 6.07
N THR A 628 -5.19 -29.12 6.99
CA THR A 628 -5.53 -29.08 8.41
C THR A 628 -5.04 -27.73 8.89
N TYR A 629 -5.51 -27.36 10.07
CA TYR A 629 -5.40 -25.97 10.49
C TYR A 629 -5.51 -25.91 11.98
N GLY A 630 -4.80 -24.96 12.56
CA GLY A 630 -4.85 -24.80 13.99
C GLY A 630 -3.65 -24.18 14.64
N LEU A 631 -3.72 -24.24 15.98
CA LEU A 631 -2.69 -23.86 16.88
C LEU A 631 -2.16 -25.12 17.62
N TRP A 632 -0.84 -25.22 17.67
CA TRP A 632 -0.09 -26.33 18.34
C TRP A 632 0.86 -25.77 19.37
N ARG A 633 1.15 -26.56 20.42
CA ARG A 633 2.12 -26.12 21.42
C ARG A 633 3.05 -27.27 21.82
N SER A 634 4.33 -26.94 22.06
CA SER A 634 5.35 -27.83 22.55
C SER A 634 5.83 -27.30 23.86
N THR A 635 5.96 -28.16 24.86
CA THR A 635 6.54 -27.72 26.11
C THR A 635 7.86 -28.49 26.35
N ASN A 636 8.40 -29.17 25.35
CA ASN A 636 9.61 -29.98 25.57
C ASN A 636 10.63 -29.66 24.51
N SER A 637 10.73 -28.37 24.18
CA SER A 637 11.77 -27.91 23.23
C SER A 637 11.60 -28.50 21.85
N GLY A 638 10.37 -28.57 21.39
CA GLY A 638 10.11 -29.06 20.03
C GLY A 638 10.22 -30.57 19.73
N ALA A 639 10.35 -31.39 20.78
CA ALA A 639 10.36 -32.85 20.58
C ALA A 639 8.98 -33.31 20.13
N SER A 640 7.94 -32.70 20.70
CA SER A 640 6.60 -32.91 20.23
C SER A 640 5.67 -31.73 20.49
N PHE A 641 4.59 -31.73 19.69
CA PHE A 641 3.59 -30.70 19.78
C PHE A 641 2.19 -31.31 19.96
N THR A 642 1.34 -30.66 20.75
CA THR A 642 -0.06 -31.00 20.93
C THR A 642 -0.93 -29.94 20.24
N LYS A 643 -1.93 -30.37 19.49
CA LYS A 643 -2.89 -29.44 18.89
C LYS A 643 -3.86 -28.96 19.91
N LEU A 644 -4.02 -27.67 20.04
CA LEU A 644 -5.07 -27.14 20.89
C LEU A 644 -6.47 -27.35 20.27
N ALA A 645 -7.28 -28.14 20.97
CA ALA A 645 -8.64 -28.42 20.54
C ALA A 645 -9.55 -27.19 20.60
N SER A 646 -9.16 -26.11 21.25
CA SER A 646 -10.03 -24.95 21.39
C SER A 646 -9.99 -24.02 20.20
N VAL A 647 -9.09 -24.27 19.25
CA VAL A 647 -8.94 -23.38 18.13
C VAL A 647 -9.19 -24.16 16.86
N GLN A 648 -10.03 -23.62 15.99
CA GLN A 648 -10.27 -24.20 14.67
C GLN A 648 -9.20 -23.87 13.64
N GLU A 649 -8.80 -22.61 13.59
CA GLU A 649 -7.73 -22.21 12.64
C GLU A 649 -6.91 -21.11 13.31
N ALA A 650 -5.62 -21.08 12.94
CA ALA A 650 -4.71 -20.03 13.42
C ALA A 650 -3.65 -19.79 12.42
N ASP A 651 -3.16 -18.57 12.38
CA ASP A 651 -2.22 -18.12 11.35
C ASP A 651 -1.00 -17.39 11.92
N ASN A 652 -1.08 -16.96 13.18
CA ASN A 652 0.02 -16.38 13.89
C ASN A 652 -0.28 -16.41 15.36
N VAL A 653 0.79 -16.30 16.13
CA VAL A 653 0.73 -16.42 17.56
C VAL A 653 1.79 -15.55 18.22
N THR A 654 1.44 -14.97 19.37
CA THR A 654 2.42 -14.23 20.18
C THR A 654 2.02 -14.16 21.60
N PHE A 655 2.90 -13.58 22.42
CA PHE A 655 2.70 -13.53 23.88
C PHE A 655 2.95 -12.15 24.42
N GLY A 656 2.27 -11.90 25.53
CA GLY A 656 2.30 -10.62 26.21
C GLY A 656 2.05 -10.79 27.68
N LYS A 657 2.16 -9.67 28.39
CA LYS A 657 2.08 -9.67 29.85
C LYS A 657 0.83 -10.42 30.35
N ALA A 658 1.03 -11.32 31.33
CA ALA A 658 -0.04 -12.08 31.96
C ALA A 658 -1.11 -11.24 32.62
N ALA A 659 -2.32 -11.76 32.65
CA ALA A 659 -3.36 -11.18 33.46
C ALA A 659 -2.93 -11.23 34.93
N THR A 660 -3.40 -10.29 35.72
CA THR A 660 -3.10 -10.19 37.13
C THR A 660 -3.61 -11.44 37.76
N GLY A 661 -2.76 -12.09 38.52
CA GLY A 661 -3.08 -13.35 39.10
C GLY A 661 -3.02 -14.57 38.20
N ALA A 662 -2.72 -14.43 36.91
CA ALA A 662 -2.51 -15.64 36.06
C ALA A 662 -1.08 -16.10 36.12
N THR A 663 -0.87 -17.36 35.82
CA THR A 663 0.47 -17.93 35.93
C THR A 663 1.25 -18.00 34.59
N TYR A 664 0.68 -17.52 33.49
CA TYR A 664 1.25 -17.72 32.15
C TYR A 664 1.02 -16.45 31.34
N PRO A 665 1.96 -16.10 30.41
CA PRO A 665 1.71 -14.92 29.58
C PRO A 665 0.39 -15.02 28.83
N ALA A 666 -0.21 -13.87 28.54
CA ALA A 666 -1.34 -13.81 27.63
C ALA A 666 -0.90 -14.28 26.21
N ILE A 667 -1.77 -15.05 25.55
CA ILE A 667 -1.49 -15.53 24.21
C ILE A 667 -2.42 -14.83 23.21
N TYR A 668 -1.86 -14.38 22.07
CA TYR A 668 -2.63 -13.67 21.05
C TYR A 668 -2.50 -14.44 19.72
N ILE A 669 -3.62 -14.69 19.07
CA ILE A 669 -3.62 -15.30 17.77
C ILE A 669 -4.45 -14.55 16.74
N ILE A 670 -4.07 -14.71 15.48
CA ILE A 670 -4.91 -14.44 14.34
C ILE A 670 -5.52 -15.80 14.02
N GLY A 671 -6.82 -15.87 13.94
CA GLY A 671 -7.44 -17.22 13.79
C GLY A 671 -8.93 -17.24 13.78
N LYS A 672 -9.46 -18.45 13.92
CA LYS A 672 -10.89 -18.71 13.96
C LYS A 672 -11.17 -19.58 15.16
N VAL A 673 -12.04 -19.08 16.04
CA VAL A 673 -12.42 -19.72 17.27
C VAL A 673 -13.99 -19.75 17.33
N ASP A 674 -14.56 -20.94 17.56
CA ASP A 674 -16.02 -21.12 17.67
C ASP A 674 -16.74 -20.48 16.46
N ASN A 675 -16.21 -20.76 15.27
CA ASN A 675 -16.69 -20.26 13.99
C ASN A 675 -16.62 -18.76 13.76
N VAL A 676 -15.93 -18.01 14.61
CA VAL A 676 -15.69 -16.59 14.37
C VAL A 676 -14.22 -16.35 13.95
N ARG A 677 -14.00 -15.64 12.85
CA ARG A 677 -12.67 -15.20 12.40
C ARG A 677 -12.36 -13.86 13.02
N GLY A 678 -11.14 -13.70 13.51
CA GLY A 678 -10.75 -12.47 14.12
C GLY A 678 -9.38 -12.57 14.78
N VAL A 679 -9.24 -11.77 15.81
CA VAL A 679 -8.11 -11.70 16.71
C VAL A 679 -8.55 -12.09 18.11
N PHE A 680 -7.78 -12.99 18.75
CA PHE A 680 -8.17 -13.62 19.98
C PHE A 680 -7.07 -13.60 21.02
N ARG A 681 -7.49 -13.42 22.27
CA ARG A 681 -6.61 -13.48 23.41
C ARG A 681 -6.99 -14.66 24.33
N SER A 682 -6.00 -15.39 24.84
CA SER A 682 -6.19 -16.30 25.95
C SER A 682 -5.31 -15.93 27.10
N THR A 683 -5.92 -15.91 28.28
CA THR A 683 -5.25 -15.70 29.55
C THR A 683 -5.22 -16.98 30.43
N ASN A 684 -5.48 -18.14 29.87
CA ASN A 684 -5.49 -19.40 30.61
C ASN A 684 -4.83 -20.49 29.78
N GLU A 685 -3.72 -20.13 29.15
CA GLU A 685 -2.91 -21.11 28.42
C GLU A 685 -3.66 -21.78 27.27
N GLY A 686 -4.58 -21.05 26.67
CA GLY A 686 -5.30 -21.57 25.53
C GLY A 686 -6.47 -22.44 25.84
N ALA A 687 -6.93 -22.48 27.07
CA ALA A 687 -8.18 -23.21 27.39
C ALA A 687 -9.41 -22.49 26.80
N SER A 688 -9.44 -21.16 26.86
CA SER A 688 -10.49 -20.43 26.16
C SER A 688 -9.97 -19.10 25.68
N TRP A 689 -10.78 -18.44 24.86
CA TRP A 689 -10.35 -17.26 24.07
C TRP A 689 -11.35 -16.15 24.15
N VAL A 690 -10.90 -14.91 23.99
CA VAL A 690 -11.81 -13.79 23.90
C VAL A 690 -11.42 -13.01 22.62
N ARG A 691 -12.41 -12.60 21.84
CA ARG A 691 -12.14 -11.80 20.64
C ARG A 691 -11.86 -10.38 21.04
N ILE A 692 -10.80 -9.82 20.52
CA ILE A 692 -10.43 -8.49 20.91
C ILE A 692 -10.54 -7.44 19.77
N ASN A 693 -10.88 -7.88 18.57
CA ASN A 693 -11.25 -7.00 17.49
C ASN A 693 -12.77 -7.08 17.32
N ASP A 694 -13.31 -6.57 16.22
CA ASP A 694 -14.76 -6.67 15.93
C ASP A 694 -14.93 -6.54 14.37
N ASP A 695 -16.16 -6.54 13.91
CA ASP A 695 -16.45 -6.63 12.47
C ASP A 695 -16.17 -5.30 11.73
N GLN A 696 -15.95 -4.23 12.44
CA GLN A 696 -15.56 -2.95 11.78
C GLN A 696 -14.06 -2.81 11.74
N ARG A 697 -13.35 -3.72 12.40
CA ARG A 697 -11.90 -3.64 12.55
C ARG A 697 -11.23 -5.00 12.29
N GLN A 698 -11.22 -5.35 11.02
CA GLN A 698 -10.77 -6.66 10.55
C GLN A 698 -9.49 -6.57 9.73
N TYR A 699 -9.32 -5.48 8.99
CA TYR A 699 -8.06 -5.16 8.33
C TYR A 699 -7.58 -6.17 7.30
N GLY A 700 -8.53 -6.89 6.68
CA GLY A 700 -8.23 -7.76 5.57
C GLY A 700 -7.12 -8.76 5.85
N ASN A 701 -6.11 -8.79 4.96
CA ASN A 701 -5.02 -9.81 4.99
C ASN A 701 -3.96 -9.48 6.05
N PHE A 702 -4.40 -9.27 7.27
CA PHE A 702 -3.54 -8.79 8.36
C PHE A 702 -2.78 -9.93 9.05
N GLY A 703 -1.95 -9.58 10.00
CA GLY A 703 -1.44 -10.53 10.94
C GLY A 703 -0.18 -11.30 10.55
N GLU A 704 0.46 -10.92 9.46
CA GLU A 704 1.76 -11.48 9.07
C GLU A 704 2.78 -11.26 10.19
N ALA A 705 2.70 -10.11 10.87
CA ALA A 705 3.56 -9.74 11.98
C ALA A 705 2.69 -9.32 13.15
N ILE A 706 2.85 -9.99 14.29
CA ILE A 706 2.24 -9.56 15.51
C ILE A 706 3.17 -9.67 16.70
N SER A 707 2.91 -8.90 17.74
CA SER A 707 3.65 -9.08 19.01
C SER A 707 2.82 -8.61 20.14
N GLY A 708 2.82 -9.37 21.23
CA GLY A 708 2.32 -8.87 22.47
C GLY A 708 3.36 -7.95 23.10
N ASP A 709 3.06 -7.43 24.28
CA ASP A 709 3.88 -6.47 24.94
C ASP A 709 4.18 -7.09 26.33
N PRO A 710 5.44 -7.47 26.58
CA PRO A 710 5.67 -8.09 27.88
C PRO A 710 5.47 -7.10 29.03
N ARG A 711 5.41 -5.77 28.75
CA ARG A 711 5.25 -4.81 29.83
C ARG A 711 3.81 -4.34 30.01
N ILE A 712 2.92 -4.54 29.03
CA ILE A 712 1.54 -4.00 29.09
C ILE A 712 0.51 -5.07 28.91
N TYR A 713 -0.27 -5.30 29.97
CA TYR A 713 -1.34 -6.29 29.93
C TYR A 713 -2.39 -5.89 28.86
N GLY A 714 -2.80 -6.84 28.06
CA GLY A 714 -3.83 -6.62 27.07
C GLY A 714 -3.39 -6.09 25.72
N ARG A 715 -2.18 -5.54 25.66
CA ARG A 715 -1.75 -4.85 24.48
C ARG A 715 -1.30 -5.81 23.35
N LEU A 716 -1.81 -5.63 22.15
CA LEU A 716 -1.29 -6.32 20.96
C LEU A 716 -0.82 -5.34 19.87
N TYR A 717 0.40 -5.58 19.39
CA TYR A 717 0.92 -4.95 18.21
C TYR A 717 0.45 -5.81 17.02
N LEU A 718 -0.43 -5.23 16.19
CA LEU A 718 -1.07 -5.92 15.10
C LEU A 718 -0.66 -5.33 13.76
N GLY A 719 0.19 -6.07 13.05
CA GLY A 719 0.64 -5.74 11.72
C GLY A 719 -0.42 -5.99 10.71
N THR A 720 -0.43 -5.19 9.66
CA THR A 720 -1.34 -5.37 8.55
C THR A 720 -0.53 -5.24 7.29
N ASN A 721 -1.16 -5.60 6.17
CA ASN A 721 -0.57 -5.50 4.87
C ASN A 721 -1.35 -4.39 4.10
N GLY A 722 -0.92 -3.16 4.31
CA GLY A 722 -1.52 -1.96 3.72
C GLY A 722 -2.22 -0.98 4.68
N ARG A 723 -2.39 -1.36 5.94
CA ARG A 723 -2.94 -0.43 6.98
C ARG A 723 -2.03 -0.11 8.15
N GLY A 724 -0.73 -0.31 7.94
CA GLY A 724 0.27 0.07 8.91
C GLY A 724 0.25 -0.86 10.09
N LEU A 725 0.79 -0.36 11.20
CA LEU A 725 0.96 -1.13 12.43
C LEU A 725 -0.01 -0.59 13.44
N LEU A 726 -0.91 -1.48 13.90
CA LEU A 726 -1.88 -1.11 14.93
C LEU A 726 -1.45 -1.56 16.32
N TYR A 727 -2.00 -0.90 17.33
CA TYR A 727 -1.87 -1.36 18.70
C TYR A 727 -3.29 -1.32 19.28
N GLY A 728 -3.63 -2.40 19.97
CA GLY A 728 -4.93 -2.57 20.64
C GLY A 728 -4.65 -2.60 22.12
N ASP A 729 -5.49 -1.91 22.89
CA ASP A 729 -5.45 -1.97 24.37
C ASP A 729 -6.83 -2.32 24.91
N SER A 730 -6.91 -3.15 25.98
CA SER A 730 -8.21 -3.43 26.61
C SER A 730 -8.70 -2.16 27.31
N ALA A 731 -9.99 -1.95 27.26
CA ALA A 731 -10.65 -0.69 27.65
C ALA A 731 -11.32 -0.86 29.00
#